data_6E6O
# 
_entry.id   6E6O 
# 
_audit_conform.dict_name       mmcif_pdbx.dic 
_audit_conform.dict_version    5.398 
_audit_conform.dict_location   http://mmcif.pdb.org/dictionaries/ascii/mmcif_pdbx.dic 
# 
loop_
_database_2.database_id 
_database_2.database_code 
_database_2.pdbx_database_accession 
_database_2.pdbx_DOI 
PDB   6E6O         pdb_00006e6o 10.2210/pdb6e6o/pdb 
WWPDB D_1000235824 ?            ?                   
# 
loop_
_pdbx_audit_revision_history.ordinal 
_pdbx_audit_revision_history.data_content_type 
_pdbx_audit_revision_history.major_revision 
_pdbx_audit_revision_history.minor_revision 
_pdbx_audit_revision_history.revision_date 
1 'Structure model' 1 0 2019-08-07 
2 'Structure model' 1 1 2024-11-06 
# 
_pdbx_audit_revision_details.ordinal             1 
_pdbx_audit_revision_details.revision_ordinal    1 
_pdbx_audit_revision_details.data_content_type   'Structure model' 
_pdbx_audit_revision_details.provider            repository 
_pdbx_audit_revision_details.type                'Initial release' 
_pdbx_audit_revision_details.description         ? 
_pdbx_audit_revision_details.details             ? 
# 
loop_
_pdbx_audit_revision_group.ordinal 
_pdbx_audit_revision_group.revision_ordinal 
_pdbx_audit_revision_group.data_content_type 
_pdbx_audit_revision_group.group 
1 2 'Structure model' 'Data collection'     
2 2 'Structure model' 'Database references' 
3 2 'Structure model' 'Structure summary'   
# 
loop_
_pdbx_audit_revision_category.ordinal 
_pdbx_audit_revision_category.revision_ordinal 
_pdbx_audit_revision_category.data_content_type 
_pdbx_audit_revision_category.category 
1 2 'Structure model' chem_comp_atom            
2 2 'Structure model' chem_comp_bond            
3 2 'Structure model' database_2                
4 2 'Structure model' pdbx_entry_details        
5 2 'Structure model' pdbx_modification_feature 
# 
loop_
_pdbx_audit_revision_item.ordinal 
_pdbx_audit_revision_item.revision_ordinal 
_pdbx_audit_revision_item.data_content_type 
_pdbx_audit_revision_item.item 
1 2 'Structure model' '_database_2.pdbx_DOI'                
2 2 'Structure model' '_database_2.pdbx_database_accession' 
# 
_pdbx_database_status.status_code                     REL 
_pdbx_database_status.status_code_sf                  REL 
_pdbx_database_status.status_code_mr                  ? 
_pdbx_database_status.entry_id                        6E6O 
_pdbx_database_status.recvd_initial_deposition_date   2018-07-25 
_pdbx_database_status.SG_entry                        N 
_pdbx_database_status.deposit_site                    RCSB 
_pdbx_database_status.process_site                    RCSB 
_pdbx_database_status.status_code_cs                  ? 
_pdbx_database_status.methods_development_category    ? 
_pdbx_database_status.pdb_format_compatible           Y 
_pdbx_database_status.status_code_nmr_data            ? 
# 
loop_
_audit_author.name 
_audit_author.pdbx_ordinal 
_audit_author.identifier_ORCID 
'Finke, A.D.' 1 ? 
'Marsh, M.E.' 2 ? 
# 
_citation.abstract                  ? 
_citation.abstract_id_CAS           ? 
_citation.book_id_ISBN              ? 
_citation.book_publisher            ? 
_citation.book_publisher_city       ? 
_citation.book_title                ? 
_citation.coordinate_linkage        ? 
_citation.country                   ? 
_citation.database_id_Medline       ? 
_citation.details                   ? 
_citation.id                        primary 
_citation.journal_abbrev            'To Be Published' 
_citation.journal_id_ASTM           ? 
_citation.journal_id_CSD            0353 
_citation.journal_id_ISSN           ? 
_citation.journal_full              ? 
_citation.journal_issue             ? 
_citation.journal_volume            ? 
_citation.language                  ? 
_citation.page_first                ? 
_citation.page_last                 ? 
_citation.title                     
'Ab initio crystal structure determination of Euplotes raikovi pheromones from high-resolution data' 
_citation.year                      ? 
_citation.database_id_CSD           ? 
_citation.pdbx_database_id_DOI      ? 
_citation.pdbx_database_id_PubMed   ? 
_citation.unpublished_flag          ? 
# 
loop_
_citation_author.citation_id 
_citation_author.name 
_citation_author.ordinal 
_citation_author.identifier_ORCID 
primary 'Finke, A.D.'  1 ? 
primary 'Pedrini, B.'  2 ? 
primary 'Alimenti, C.' 3 ? 
primary 'Vallesi, A.'  4 ? 
primary 'Luporini, P.' 5 ? 
primary 'Marsh, M.'    6 ? 
# 
loop_
_entity.id 
_entity.type 
_entity.src_method 
_entity.pdbx_description 
_entity.formula_weight 
_entity.pdbx_number_of_molecules 
_entity.pdbx_ec 
_entity.pdbx_mutation 
_entity.pdbx_fragment 
_entity.details 
1 polymer nat 'Mating pheromone Er-1/Er-3' 4417.881 1  ? ? ? ? 
2 water   nat water                        18.015   22 ? ? ? ? 
# 
_entity_name_com.entity_id   1 
_entity_name_com.name        'Euplomone R1/R3' 
# 
_entity_poly.entity_id                      1 
_entity_poly.type                           'polypeptide(L)' 
_entity_poly.nstd_linkage                   no 
_entity_poly.nstd_monomer                   no 
_entity_poly.pdbx_seq_one_letter_code       DACEQAAIQCVESACESLCTEGEDRTGCYMYIYSNCPPYV 
_entity_poly.pdbx_seq_one_letter_code_can   DACEQAAIQCVESACESLCTEGEDRTGCYMYIYSNCPPYV 
_entity_poly.pdbx_strand_id                 A 
_entity_poly.pdbx_target_identifier         ? 
# 
_pdbx_entity_nonpoly.entity_id   2 
_pdbx_entity_nonpoly.name        water 
_pdbx_entity_nonpoly.comp_id     HOH 
# 
loop_
_entity_poly_seq.entity_id 
_entity_poly_seq.num 
_entity_poly_seq.mon_id 
_entity_poly_seq.hetero 
1 1  ASP n 
1 2  ALA n 
1 3  CYS n 
1 4  GLU n 
1 5  GLN n 
1 6  ALA n 
1 7  ALA n 
1 8  ILE n 
1 9  GLN n 
1 10 CYS n 
1 11 VAL n 
1 12 GLU n 
1 13 SER n 
1 14 ALA n 
1 15 CYS n 
1 16 GLU n 
1 17 SER n 
1 18 LEU n 
1 19 CYS n 
1 20 THR n 
1 21 GLU n 
1 22 GLY n 
1 23 GLU n 
1 24 ASP n 
1 25 ARG n 
1 26 THR n 
1 27 GLY n 
1 28 CYS n 
1 29 TYR n 
1 30 MET n 
1 31 TYR n 
1 32 ILE n 
1 33 TYR n 
1 34 SER n 
1 35 ASN n 
1 36 CYS n 
1 37 PRO n 
1 38 PRO n 
1 39 TYR n 
1 40 VAL n 
# 
_entity_src_nat.entity_id                  1 
_entity_src_nat.pdbx_src_id                1 
_entity_src_nat.pdbx_alt_source_flag       sample 
_entity_src_nat.pdbx_beg_seq_num           1 
_entity_src_nat.pdbx_end_seq_num           40 
_entity_src_nat.common_name                ? 
_entity_src_nat.pdbx_organism_scientific   'Euplotes raikovi' 
_entity_src_nat.pdbx_ncbi_taxonomy_id      5938 
_entity_src_nat.genus                      ? 
_entity_src_nat.species                    ? 
_entity_src_nat.strain                     ? 
_entity_src_nat.tissue                     ? 
_entity_src_nat.tissue_fraction            ? 
_entity_src_nat.pdbx_secretion             ? 
_entity_src_nat.pdbx_fragment              ? 
_entity_src_nat.pdbx_variant               ? 
_entity_src_nat.pdbx_cell_line             ? 
_entity_src_nat.pdbx_atcc                  ? 
_entity_src_nat.pdbx_cellular_location     ? 
_entity_src_nat.pdbx_organ                 ? 
_entity_src_nat.pdbx_organelle             ? 
_entity_src_nat.pdbx_cell                  ? 
_entity_src_nat.pdbx_plasmid_name          ? 
_entity_src_nat.pdbx_plasmid_details       ? 
_entity_src_nat.details                    ? 
# 
loop_
_chem_comp.id 
_chem_comp.type 
_chem_comp.mon_nstd_flag 
_chem_comp.name 
_chem_comp.pdbx_synonyms 
_chem_comp.formula 
_chem_comp.formula_weight 
ALA 'L-peptide linking' y ALANINE         ? 'C3 H7 N O2'     89.093  
ARG 'L-peptide linking' y ARGININE        ? 'C6 H15 N4 O2 1' 175.209 
ASN 'L-peptide linking' y ASPARAGINE      ? 'C4 H8 N2 O3'    132.118 
ASP 'L-peptide linking' y 'ASPARTIC ACID' ? 'C4 H7 N O4'     133.103 
CYS 'L-peptide linking' y CYSTEINE        ? 'C3 H7 N O2 S'   121.158 
GLN 'L-peptide linking' y GLUTAMINE       ? 'C5 H10 N2 O3'   146.144 
GLU 'L-peptide linking' y 'GLUTAMIC ACID' ? 'C5 H9 N O4'     147.129 
GLY 'peptide linking'   y GLYCINE         ? 'C2 H5 N O2'     75.067  
HOH non-polymer         . WATER           ? 'H2 O'           18.015  
ILE 'L-peptide linking' y ISOLEUCINE      ? 'C6 H13 N O2'    131.173 
LEU 'L-peptide linking' y LEUCINE         ? 'C6 H13 N O2'    131.173 
MET 'L-peptide linking' y METHIONINE      ? 'C5 H11 N O2 S'  149.211 
PRO 'L-peptide linking' y PROLINE         ? 'C5 H9 N O2'     115.130 
SER 'L-peptide linking' y SERINE          ? 'C3 H7 N O3'     105.093 
THR 'L-peptide linking' y THREONINE       ? 'C4 H9 N O3'     119.119 
TYR 'L-peptide linking' y TYROSINE        ? 'C9 H11 N O3'    181.189 
VAL 'L-peptide linking' y VALINE          ? 'C5 H11 N O2'    117.146 
# 
loop_
_pdbx_poly_seq_scheme.asym_id 
_pdbx_poly_seq_scheme.entity_id 
_pdbx_poly_seq_scheme.seq_id 
_pdbx_poly_seq_scheme.mon_id 
_pdbx_poly_seq_scheme.ndb_seq_num 
_pdbx_poly_seq_scheme.pdb_seq_num 
_pdbx_poly_seq_scheme.auth_seq_num 
_pdbx_poly_seq_scheme.pdb_mon_id 
_pdbx_poly_seq_scheme.auth_mon_id 
_pdbx_poly_seq_scheme.pdb_strand_id 
_pdbx_poly_seq_scheme.pdb_ins_code 
_pdbx_poly_seq_scheme.hetero 
A 1 1  ASP 1  1  1  ASP ASP A . n 
A 1 2  ALA 2  2  2  ALA ALA A . n 
A 1 3  CYS 3  3  3  CYS CYS A . n 
A 1 4  GLU 4  4  4  GLU GLU A . n 
A 1 5  GLN 5  5  5  GLN GLN A . n 
A 1 6  ALA 6  6  6  ALA ALA A . n 
A 1 7  ALA 7  7  7  ALA ALA A . n 
A 1 8  ILE 8  8  8  ILE ILE A . n 
A 1 9  GLN 9  9  9  GLN GLN A . n 
A 1 10 CYS 10 10 10 CYS CYS A . n 
A 1 11 VAL 11 11 11 VAL VAL A . n 
A 1 12 GLU 12 12 12 GLU GLU A . n 
A 1 13 SER 13 13 13 SER SER A . n 
A 1 14 ALA 14 14 14 ALA ALA A . n 
A 1 15 CYS 15 15 15 CYS CYS A . n 
A 1 16 GLU 16 16 16 GLU GLU A . n 
A 1 17 SER 17 17 17 SER SER A . n 
A 1 18 LEU 18 18 18 LEU LEU A . n 
A 1 19 CYS 19 19 19 CYS CYS A . n 
A 1 20 THR 20 20 20 THR THR A . n 
A 1 21 GLU 21 21 21 GLU GLU A . n 
A 1 22 GLY 22 22 22 GLY GLY A . n 
A 1 23 GLU 23 23 23 GLU GLU A . n 
A 1 24 ASP 24 24 24 ASP ASP A . n 
A 1 25 ARG 25 25 25 ARG ARG A . n 
A 1 26 THR 26 26 26 THR THR A . n 
A 1 27 GLY 27 27 27 GLY GLY A . n 
A 1 28 CYS 28 28 28 CYS CYS A . n 
A 1 29 TYR 29 29 29 TYR TYR A . n 
A 1 30 MET 30 30 30 MET MET A . n 
A 1 31 TYR 31 31 31 TYR TYR A . n 
A 1 32 ILE 32 32 32 ILE ILE A . n 
A 1 33 TYR 33 33 33 TYR TYR A . n 
A 1 34 SER 34 34 34 SER SER A . n 
A 1 35 ASN 35 35 35 ASN ASN A . n 
A 1 36 CYS 36 36 36 CYS CYS A . n 
A 1 37 PRO 37 37 37 PRO PRO A . n 
A 1 38 PRO 38 38 38 PRO PRO A . n 
A 1 39 TYR 39 39 39 TYR TYR A . n 
A 1 40 VAL 40 40 40 VAL VAL A . n 
# 
loop_
_pdbx_nonpoly_scheme.asym_id 
_pdbx_nonpoly_scheme.entity_id 
_pdbx_nonpoly_scheme.mon_id 
_pdbx_nonpoly_scheme.ndb_seq_num 
_pdbx_nonpoly_scheme.pdb_seq_num 
_pdbx_nonpoly_scheme.auth_seq_num 
_pdbx_nonpoly_scheme.pdb_mon_id 
_pdbx_nonpoly_scheme.auth_mon_id 
_pdbx_nonpoly_scheme.pdb_strand_id 
_pdbx_nonpoly_scheme.pdb_ins_code 
B 2 HOH 1  101 18 HOH HOH A . 
B 2 HOH 2  102 3  HOH HOH A . 
B 2 HOH 3  103 19 HOH HOH A . 
B 2 HOH 4  104 33 HOH HOH A . 
B 2 HOH 5  105 2  HOH HOH A . 
B 2 HOH 6  106 20 HOH HOH A . 
B 2 HOH 7  107 37 HOH HOH A . 
B 2 HOH 8  108 4  HOH HOH A . 
B 2 HOH 9  109 11 HOH HOH A . 
B 2 HOH 10 110 6  HOH HOH A . 
B 2 HOH 11 111 28 HOH HOH A . 
B 2 HOH 12 112 36 HOH HOH A . 
B 2 HOH 13 113 38 HOH HOH A . 
B 2 HOH 14 114 15 HOH HOH A . 
B 2 HOH 15 115 7  HOH HOH A . 
B 2 HOH 16 116 29 HOH HOH A . 
B 2 HOH 17 117 5  HOH HOH A . 
B 2 HOH 18 118 12 HOH HOH A . 
B 2 HOH 19 119 17 HOH HOH A . 
B 2 HOH 20 120 1  HOH HOH A . 
B 2 HOH 21 121 9  HOH HOH A . 
B 2 HOH 22 122 21 HOH HOH A . 
# 
loop_
_software.citation_id 
_software.classification 
_software.compiler_name 
_software.compiler_version 
_software.contact_author 
_software.contact_author_email 
_software.date 
_software.description 
_software.dependencies 
_software.hardware 
_software.language 
_software.location 
_software.mods 
_software.name 
_software.os 
_software.os_version 
_software.type 
_software.version 
_software.pdbx_ordinal 
? refinement       ? ? ? ? ? ? ? ? ? ? ? REFMAC ? ? ? 5.8.0155 1 
? 'data reduction' ? ? ? ? ? ? ? ? ? ? ? XDS    ? ? ? .        2 
? 'data scaling'   ? ? ? ? ? ? ? ? ? ? ? XDS    ? ? ? .        3 
? phasing          ? ? ? ? ? ? ? ? ? ? ? SHELX  ? ? ? .        4 
# 
_cell.angle_alpha                  90.00 
_cell.angle_alpha_esd              ? 
_cell.angle_beta                   110.57 
_cell.angle_beta_esd               ? 
_cell.angle_gamma                  90.00 
_cell.angle_gamma_esd              ? 
_cell.entry_id                     6E6O 
_cell.details                      ? 
_cell.formula_units_Z              ? 
_cell.length_a                     53.440 
_cell.length_a_esd                 ? 
_cell.length_b                     22.560 
_cell.length_b_esd                 ? 
_cell.length_c                     23.010 
_cell.length_c_esd                 ? 
_cell.volume                       ? 
_cell.volume_esd                   ? 
_cell.Z_PDB                        4 
_cell.reciprocal_angle_alpha       ? 
_cell.reciprocal_angle_beta        ? 
_cell.reciprocal_angle_gamma       ? 
_cell.reciprocal_angle_alpha_esd   ? 
_cell.reciprocal_angle_beta_esd    ? 
_cell.reciprocal_angle_gamma_esd   ? 
_cell.reciprocal_length_a          ? 
_cell.reciprocal_length_b          ? 
_cell.reciprocal_length_c          ? 
_cell.reciprocal_length_a_esd      ? 
_cell.reciprocal_length_b_esd      ? 
_cell.reciprocal_length_c_esd      ? 
_cell.pdbx_unique_axis             ? 
# 
_symmetry.entry_id                         6E6O 
_symmetry.cell_setting                     ? 
_symmetry.Int_Tables_number                5 
_symmetry.space_group_name_Hall            ? 
_symmetry.space_group_name_H-M             'C 1 2 1' 
_symmetry.pdbx_full_space_group_name_H-M   ? 
# 
_exptl.absorpt_coefficient_mu     ? 
_exptl.absorpt_correction_T_max   ? 
_exptl.absorpt_correction_T_min   ? 
_exptl.absorpt_correction_type    ? 
_exptl.absorpt_process_details    ? 
_exptl.entry_id                   6E6O 
_exptl.crystals_number            1 
_exptl.details                    ? 
_exptl.method                     'X-RAY DIFFRACTION' 
_exptl.method_details             ? 
# 
_exptl_crystal.colour                      ? 
_exptl_crystal.density_diffrn              ? 
_exptl_crystal.density_Matthews            1.47 
_exptl_crystal.density_method              ? 
_exptl_crystal.density_percent_sol         16.31 
_exptl_crystal.description                 ? 
_exptl_crystal.F_000                       ? 
_exptl_crystal.id                          1 
_exptl_crystal.preparation                 ? 
_exptl_crystal.size_max                    ? 
_exptl_crystal.size_mid                    ? 
_exptl_crystal.size_min                    ? 
_exptl_crystal.size_rad                    ? 
_exptl_crystal.colour_lustre               ? 
_exptl_crystal.colour_modifier             ? 
_exptl_crystal.colour_primary              ? 
_exptl_crystal.density_meas                ? 
_exptl_crystal.density_meas_esd            ? 
_exptl_crystal.density_meas_gt             ? 
_exptl_crystal.density_meas_lt             ? 
_exptl_crystal.density_meas_temp           ? 
_exptl_crystal.density_meas_temp_esd       ? 
_exptl_crystal.density_meas_temp_gt        ? 
_exptl_crystal.density_meas_temp_lt        ? 
_exptl_crystal.pdbx_crystal_image_url      ? 
_exptl_crystal.pdbx_crystal_image_format   ? 
_exptl_crystal.pdbx_mosaicity              ? 
_exptl_crystal.pdbx_mosaicity_esd          ? 
# 
_exptl_crystal_grow.apparatus       ? 
_exptl_crystal_grow.atmosphere      ? 
_exptl_crystal_grow.crystal_id      1 
_exptl_crystal_grow.details         ? 
_exptl_crystal_grow.method          'VAPOR DIFFUSION, SITTING DROP' 
_exptl_crystal_grow.method_ref      ? 
_exptl_crystal_grow.pH              3.5 
_exptl_crystal_grow.pressure        ? 
_exptl_crystal_grow.pressure_esd    ? 
_exptl_crystal_grow.seeding         ? 
_exptl_crystal_grow.seeding_ref     ? 
_exptl_crystal_grow.temp            290 
_exptl_crystal_grow.temp_details    ? 
_exptl_crystal_grow.temp_esd        ? 
_exptl_crystal_grow.time            ? 
_exptl_crystal_grow.pdbx_details    
'0.1 M to 0.2 M (NH4)2SO4, 0.05 M Na Citrate pH 3.5 and 6% (v/v) ethanol, using 5-ul protein drops and 5 ul of reservoir solution' 
_exptl_crystal_grow.pdbx_pH_range   ? 
# 
_diffrn.ambient_environment              ? 
_diffrn.ambient_temp                     100 
_diffrn.ambient_temp_details             ? 
_diffrn.ambient_temp_esd                 ? 
_diffrn.crystal_id                       1 
_diffrn.crystal_support                  ? 
_diffrn.crystal_treatment                ? 
_diffrn.details                          ? 
_diffrn.id                               1 
_diffrn.ambient_pressure                 ? 
_diffrn.ambient_pressure_esd             ? 
_diffrn.ambient_pressure_gt              ? 
_diffrn.ambient_pressure_lt              ? 
_diffrn.ambient_temp_gt                  ? 
_diffrn.ambient_temp_lt                  ? 
_diffrn.pdbx_serial_crystal_experiment   ? 
# 
_diffrn_detector.details                      ? 
_diffrn_detector.detector                     PIXEL 
_diffrn_detector.diffrn_id                    1 
_diffrn_detector.type                         'DECTRIS PILATUS 6M' 
_diffrn_detector.area_resol_mean              ? 
_diffrn_detector.dtime                        ? 
_diffrn_detector.pdbx_frames_total            ? 
_diffrn_detector.pdbx_collection_time_total   ? 
_diffrn_detector.pdbx_collection_date         2015-02-20 
_diffrn_detector.pdbx_frequency               ? 
# 
_diffrn_radiation.collimation                      ? 
_diffrn_radiation.diffrn_id                        1 
_diffrn_radiation.filter_edge                      ? 
_diffrn_radiation.inhomogeneity                    ? 
_diffrn_radiation.monochromator                    ? 
_diffrn_radiation.polarisn_norm                    ? 
_diffrn_radiation.polarisn_ratio                   ? 
_diffrn_radiation.probe                            ? 
_diffrn_radiation.type                             ? 
_diffrn_radiation.xray_symbol                      ? 
_diffrn_radiation.wavelength_id                    1 
_diffrn_radiation.pdbx_monochromatic_or_laue_m_l   M 
_diffrn_radiation.pdbx_wavelength_list             ? 
_diffrn_radiation.pdbx_wavelength                  ? 
_diffrn_radiation.pdbx_diffrn_protocol             'SINGLE WAVELENGTH' 
_diffrn_radiation.pdbx_analyzer                    ? 
_diffrn_radiation.pdbx_scattering_type             x-ray 
# 
_diffrn_radiation_wavelength.id           1 
_diffrn_radiation_wavelength.wavelength   0.6192 
_diffrn_radiation_wavelength.wt           1.0 
# 
_diffrn_source.current                     ? 
_diffrn_source.details                     ? 
_diffrn_source.diffrn_id                   1 
_diffrn_source.power                       ? 
_diffrn_source.size                        ? 
_diffrn_source.source                      SYNCHROTRON 
_diffrn_source.target                      ? 
_diffrn_source.type                        'SLS BEAMLINE X10SA' 
_diffrn_source.voltage                     ? 
_diffrn_source.take-off_angle              ? 
_diffrn_source.pdbx_wavelength_list        0.6192 
_diffrn_source.pdbx_wavelength             ? 
_diffrn_source.pdbx_synchrotron_beamline   X10SA 
_diffrn_source.pdbx_synchrotron_site       SLS 
# 
_reflns.B_iso_Wilson_estimate            ? 
_reflns.entry_id                         6E6O 
_reflns.data_reduction_details           ? 
_reflns.data_reduction_method            ? 
_reflns.d_resolution_high                0.7 
_reflns.d_resolution_low                 25.02 
_reflns.details                          ? 
_reflns.limit_h_max                      ? 
_reflns.limit_h_min                      ? 
_reflns.limit_k_max                      ? 
_reflns.limit_k_min                      ? 
_reflns.limit_l_max                      ? 
_reflns.limit_l_min                      ? 
_reflns.number_all                       ? 
_reflns.number_obs                       39777 
_reflns.observed_criterion               ? 
_reflns.observed_criterion_F_max         ? 
_reflns.observed_criterion_F_min         ? 
_reflns.observed_criterion_I_max         ? 
_reflns.observed_criterion_I_min         ? 
_reflns.observed_criterion_sigma_F       ? 
_reflns.observed_criterion_sigma_I       ? 
_reflns.percent_possible_obs             97 
_reflns.R_free_details                   ? 
_reflns.Rmerge_F_all                     ? 
_reflns.Rmerge_F_obs                     ? 
_reflns.Friedel_coverage                 ? 
_reflns.number_gt                        ? 
_reflns.threshold_expression             ? 
_reflns.pdbx_redundancy                  12.3 
_reflns.pdbx_Rmerge_I_obs                0.09503 
_reflns.pdbx_Rmerge_I_all                ? 
_reflns.pdbx_Rsym_value                  ? 
_reflns.pdbx_netI_over_av_sigmaI         ? 
_reflns.pdbx_netI_over_sigmaI            9.41 
_reflns.pdbx_res_netI_over_av_sigmaI_2   ? 
_reflns.pdbx_res_netI_over_sigmaI_2      ? 
_reflns.pdbx_chi_squared                 ? 
_reflns.pdbx_scaling_rejects             ? 
_reflns.pdbx_d_res_high_opt              ? 
_reflns.pdbx_d_res_low_opt               ? 
_reflns.pdbx_d_res_opt_method            ? 
_reflns.phase_calculation_details        ? 
_reflns.pdbx_Rrim_I_all                  ? 
_reflns.pdbx_Rpim_I_all                  ? 
_reflns.pdbx_d_opt                       ? 
_reflns.pdbx_number_measured_all         ? 
_reflns.pdbx_diffrn_id                   1 
_reflns.pdbx_ordinal                     1 
_reflns.pdbx_CC_half                     0.999 
_reflns.pdbx_R_split                     ? 
# 
_reflns_shell.d_res_high                  0.7 
_reflns_shell.d_res_low                   0.725 
_reflns_shell.meanI_over_sigI_all         ? 
_reflns_shell.meanI_over_sigI_obs         ? 
_reflns_shell.number_measured_all         ? 
_reflns_shell.number_measured_obs         ? 
_reflns_shell.number_possible             ? 
_reflns_shell.number_unique_all           ? 
_reflns_shell.number_unique_obs           ? 
_reflns_shell.percent_possible_all        ? 
_reflns_shell.percent_possible_obs        ? 
_reflns_shell.Rmerge_F_all                ? 
_reflns_shell.Rmerge_F_obs                ? 
_reflns_shell.Rmerge_I_all                ? 
_reflns_shell.Rmerge_I_obs                1.63 
_reflns_shell.meanI_over_sigI_gt          ? 
_reflns_shell.meanI_over_uI_all           ? 
_reflns_shell.meanI_over_uI_gt            ? 
_reflns_shell.number_measured_gt          ? 
_reflns_shell.number_unique_gt            ? 
_reflns_shell.percent_possible_gt         ? 
_reflns_shell.Rmerge_F_gt                 ? 
_reflns_shell.Rmerge_I_gt                 ? 
_reflns_shell.pdbx_redundancy             ? 
_reflns_shell.pdbx_Rsym_value             ? 
_reflns_shell.pdbx_chi_squared            ? 
_reflns_shell.pdbx_netI_over_sigmaI_all   ? 
_reflns_shell.pdbx_netI_over_sigmaI_obs   ? 
_reflns_shell.pdbx_Rrim_I_all             ? 
_reflns_shell.pdbx_Rpim_I_all             ? 
_reflns_shell.pdbx_rejects                ? 
_reflns_shell.pdbx_ordinal                1 
_reflns_shell.pdbx_diffrn_id              1 
_reflns_shell.pdbx_CC_half                0.447 
_reflns_shell.pdbx_R_split                ? 
# 
_refine.aniso_B[1][1]                            -0.18 
_refine.aniso_B[1][2]                            -0.00 
_refine.aniso_B[1][3]                            -0.48 
_refine.aniso_B[2][2]                            0.43 
_refine.aniso_B[2][3]                            -0.00 
_refine.aniso_B[3][3]                            0.09 
_refine.B_iso_max                                ? 
_refine.B_iso_mean                               7.895 
_refine.B_iso_min                                ? 
_refine.correlation_coeff_Fo_to_Fc               0.980 
_refine.correlation_coeff_Fo_to_Fc_free          0.973 
_refine.details                                  'HYDROGENS HAVE BEEN ADDED IN THE RIDING POSITIONS' 
_refine.diff_density_max                         ? 
_refine.diff_density_max_esd                     ? 
_refine.diff_density_min                         ? 
_refine.diff_density_min_esd                     ? 
_refine.diff_density_rms                         ? 
_refine.diff_density_rms_esd                     ? 
_refine.entry_id                                 6E6O 
_refine.pdbx_refine_id                           'X-RAY DIFFRACTION' 
_refine.ls_abs_structure_details                 ? 
_refine.ls_abs_structure_Flack                   ? 
_refine.ls_abs_structure_Flack_esd               ? 
_refine.ls_abs_structure_Rogers                  ? 
_refine.ls_abs_structure_Rogers_esd              ? 
_refine.ls_d_res_high                            0.70 
_refine.ls_d_res_low                             25.02 
_refine.ls_extinction_coef                       ? 
_refine.ls_extinction_coef_esd                   ? 
_refine.ls_extinction_expression                 ? 
_refine.ls_extinction_method                     ? 
_refine.ls_goodness_of_fit_all                   ? 
_refine.ls_goodness_of_fit_all_esd               ? 
_refine.ls_goodness_of_fit_obs                   ? 
_refine.ls_goodness_of_fit_obs_esd               ? 
_refine.ls_hydrogen_treatment                    ? 
_refine.ls_matrix_type                           ? 
_refine.ls_number_constraints                    ? 
_refine.ls_number_parameters                     ? 
_refine.ls_number_reflns_all                     ? 
_refine.ls_number_reflns_obs                     37789 
_refine.ls_number_reflns_R_free                  1989 
_refine.ls_number_reflns_R_work                  ? 
_refine.ls_number_restraints                     ? 
_refine.ls_percent_reflns_obs                    98.01 
_refine.ls_percent_reflns_R_free                 5.0 
_refine.ls_R_factor_all                          ? 
_refine.ls_R_factor_obs                          0.16632 
_refine.ls_R_factor_R_free                       0.18445 
_refine.ls_R_factor_R_free_error                 ? 
_refine.ls_R_factor_R_free_error_details         ? 
_refine.ls_R_factor_R_work                       0.16540 
_refine.ls_R_Fsqd_factor_obs                     ? 
_refine.ls_R_I_factor_obs                        ? 
_refine.ls_redundancy_reflns_all                 ? 
_refine.ls_redundancy_reflns_obs                 ? 
_refine.ls_restrained_S_all                      ? 
_refine.ls_restrained_S_obs                      ? 
_refine.ls_shift_over_esd_max                    ? 
_refine.ls_shift_over_esd_mean                   ? 
_refine.ls_structure_factor_coef                 ? 
_refine.ls_weighting_details                     ? 
_refine.ls_weighting_scheme                      ? 
_refine.ls_wR_factor_all                         ? 
_refine.ls_wR_factor_obs                         ? 
_refine.ls_wR_factor_R_free                      ? 
_refine.ls_wR_factor_R_work                      ? 
_refine.occupancy_max                            ? 
_refine.occupancy_min                            ? 
_refine.solvent_model_details                    MASK 
_refine.solvent_model_param_bsol                 ? 
_refine.solvent_model_param_ksol                 ? 
_refine.ls_R_factor_gt                           ? 
_refine.ls_goodness_of_fit_gt                    ? 
_refine.ls_goodness_of_fit_ref                   ? 
_refine.ls_shift_over_su_max                     ? 
_refine.ls_shift_over_su_max_lt                  ? 
_refine.ls_shift_over_su_mean                    ? 
_refine.ls_shift_over_su_mean_lt                 ? 
_refine.pdbx_ls_sigma_I                          ? 
_refine.pdbx_ls_sigma_F                          ? 
_refine.pdbx_ls_sigma_Fsqd                       ? 
_refine.pdbx_data_cutoff_high_absF               ? 
_refine.pdbx_data_cutoff_high_rms_absF           ? 
_refine.pdbx_data_cutoff_low_absF                ? 
_refine.pdbx_isotropic_thermal_model             ? 
_refine.pdbx_ls_cross_valid_method               THROUGHOUT 
_refine.pdbx_method_to_determine_struct          'AB INITIO PHASING' 
_refine.pdbx_starting_model                      ? 
_refine.pdbx_stereochemistry_target_values       'MAXIMUM LIKELIHOOD' 
_refine.pdbx_R_Free_selection_details            RANDOM 
_refine.pdbx_stereochem_target_val_spec_case     ? 
_refine.pdbx_overall_ESU_R                       0.012 
_refine.pdbx_overall_ESU_R_Free                  0.013 
_refine.pdbx_solvent_vdw_probe_radii             1.60 
_refine.pdbx_solvent_ion_probe_radii             0.80 
_refine.pdbx_solvent_shrinkage_radii             0.80 
_refine.pdbx_real_space_R                        ? 
_refine.pdbx_density_correlation                 ? 
_refine.pdbx_pd_number_of_powder_patterns        ? 
_refine.pdbx_pd_number_of_points                 ? 
_refine.pdbx_pd_meas_number_of_points            ? 
_refine.pdbx_pd_proc_ls_prof_R_factor            ? 
_refine.pdbx_pd_proc_ls_prof_wR_factor           ? 
_refine.pdbx_pd_Marquardt_correlation_coeff      ? 
_refine.pdbx_pd_Fsqrd_R_factor                   ? 
_refine.pdbx_pd_ls_matrix_band_width             ? 
_refine.pdbx_overall_phase_error                 ? 
_refine.pdbx_overall_SU_R_free_Cruickshank_DPI   ? 
_refine.pdbx_overall_SU_R_free_Blow_DPI          ? 
_refine.pdbx_overall_SU_R_Blow_DPI               ? 
_refine.pdbx_TLS_residual_ADP_flag               ? 
_refine.pdbx_diffrn_id                           1 
_refine.overall_SU_B                             0.430 
_refine.overall_SU_ML                            0.013 
_refine.overall_SU_R_Cruickshank_DPI             ? 
_refine.overall_SU_R_free                        ? 
_refine.overall_FOM_free_R_set                   ? 
_refine.overall_FOM_work_R_set                   ? 
_refine.pdbx_average_fsc_overall                 ? 
_refine.pdbx_average_fsc_work                    ? 
_refine.pdbx_average_fsc_free                    ? 
# 
_refine_hist.pdbx_refine_id                   'X-RAY DIFFRACTION' 
_refine_hist.cycle_id                         1 
_refine_hist.pdbx_number_atoms_protein        303 
_refine_hist.pdbx_number_atoms_nucleic_acid   0 
_refine_hist.pdbx_number_atoms_ligand         0 
_refine_hist.number_atoms_solvent             22 
_refine_hist.number_atoms_total               325 
_refine_hist.d_res_high                       0.70 
_refine_hist.d_res_low                        25.02 
# 
loop_
_refine_ls_restr.pdbx_refine_id 
_refine_ls_restr.criterion 
_refine_ls_restr.dev_ideal 
_refine_ls_restr.dev_ideal_target 
_refine_ls_restr.number 
_refine_ls_restr.rejects 
_refine_ls_restr.type 
_refine_ls_restr.weight 
_refine_ls_restr.pdbx_restraint_function 
'X-RAY DIFFRACTION' ? 0.025  0.020  359 ? r_bond_refined_d             ? ? 
'X-RAY DIFFRACTION' ? 0.004  0.020  294 ? r_bond_other_d               ? ? 
'X-RAY DIFFRACTION' ? 2.682  1.961  500 ? r_angle_refined_deg          ? ? 
'X-RAY DIFFRACTION' ? 1.528  3.012  693 ? r_angle_other_deg            ? ? 
'X-RAY DIFFRACTION' ? 7.380  5.000  53  ? r_dihedral_angle_1_deg       ? ? 
'X-RAY DIFFRACTION' ? 26.841 26.667 18  ? r_dihedral_angle_2_deg       ? ? 
'X-RAY DIFFRACTION' ? 13.411 15.000 57  ? r_dihedral_angle_3_deg       ? ? 
'X-RAY DIFFRACTION' ? 13.013 15.000 1   ? r_dihedral_angle_4_deg       ? ? 
'X-RAY DIFFRACTION' ? 0.119  0.200  52  ? r_chiral_restr               ? ? 
'X-RAY DIFFRACTION' ? 0.016  0.020  442 ? r_gen_planes_refined         ? ? 
'X-RAY DIFFRACTION' ? 0.003  0.020  75  ? r_gen_planes_other           ? ? 
'X-RAY DIFFRACTION' ? ?      ?      ?   ? r_nbd_refined                ? ? 
'X-RAY DIFFRACTION' ? ?      ?      ?   ? r_nbd_other                  ? ? 
'X-RAY DIFFRACTION' ? ?      ?      ?   ? r_nbtor_refined              ? ? 
'X-RAY DIFFRACTION' ? ?      ?      ?   ? r_nbtor_other                ? ? 
'X-RAY DIFFRACTION' ? ?      ?      ?   ? r_xyhbond_nbd_refined        ? ? 
'X-RAY DIFFRACTION' ? ?      ?      ?   ? r_xyhbond_nbd_other          ? ? 
'X-RAY DIFFRACTION' ? ?      ?      ?   ? r_metal_ion_refined          ? ? 
'X-RAY DIFFRACTION' ? ?      ?      ?   ? r_metal_ion_other            ? ? 
'X-RAY DIFFRACTION' ? ?      ?      ?   ? r_symmetry_vdw_refined       ? ? 
'X-RAY DIFFRACTION' ? ?      ?      ?   ? r_symmetry_vdw_other         ? ? 
'X-RAY DIFFRACTION' ? ?      ?      ?   ? r_symmetry_hbond_refined     ? ? 
'X-RAY DIFFRACTION' ? ?      ?      ?   ? r_symmetry_hbond_other       ? ? 
'X-RAY DIFFRACTION' ? ?      ?      ?   ? r_symmetry_metal_ion_refined ? ? 
'X-RAY DIFFRACTION' ? ?      ?      ?   ? r_symmetry_metal_ion_other   ? ? 
'X-RAY DIFFRACTION' ? 1.269  0.680  182 ? r_mcbond_it                  ? ? 
'X-RAY DIFFRACTION' ? 1.253  0.675  181 ? r_mcbond_other               ? ? 
'X-RAY DIFFRACTION' ? 1.873  1.020  233 ? r_mcangle_it                 ? ? 
'X-RAY DIFFRACTION' ? 1.869  1.025  234 ? r_mcangle_other              ? ? 
'X-RAY DIFFRACTION' ? 1.559  0.838  177 ? r_scbond_it                  ? ? 
'X-RAY DIFFRACTION' ? 1.556  0.836  177 ? r_scbond_other               ? ? 
'X-RAY DIFFRACTION' ? ?      ?      ?   ? r_scangle_it                 ? ? 
'X-RAY DIFFRACTION' ? 2.051  1.217  263 ? r_scangle_other              ? ? 
'X-RAY DIFFRACTION' ? 2.463  8.864  453 ? r_long_range_B_refined       ? ? 
'X-RAY DIFFRACTION' ? 2.463  8.847  452 ? r_long_range_B_other         ? ? 
'X-RAY DIFFRACTION' ? 4.383  3.000  650 ? r_rigid_bond_restr           ? ? 
'X-RAY DIFFRACTION' ? 16.280 5.000  12  ? r_sphericity_free            ? ? 
'X-RAY DIFFRACTION' ? 6.312  5.000  647 ? r_sphericity_bonded          ? ? 
# 
_refine_ls_shell.pdbx_refine_id                   'X-RAY DIFFRACTION' 
_refine_ls_shell.d_res_high                       0.700 
_refine_ls_shell.d_res_low                        0.718 
_refine_ls_shell.number_reflns_all                ? 
_refine_ls_shell.number_reflns_obs                ? 
_refine_ls_shell.number_reflns_R_free             139 
_refine_ls_shell.number_reflns_R_work             2646 
_refine_ls_shell.percent_reflns_obs               92.62 
_refine_ls_shell.percent_reflns_R_free            ? 
_refine_ls_shell.R_factor_all                     ? 
_refine_ls_shell.R_factor_obs                     ? 
_refine_ls_shell.R_factor_R_free                  0.416 
_refine_ls_shell.R_factor_R_free_error            ? 
_refine_ls_shell.R_factor_R_work                  0.438 
_refine_ls_shell.redundancy_reflns_all            ? 
_refine_ls_shell.redundancy_reflns_obs            ? 
_refine_ls_shell.wR_factor_all                    ? 
_refine_ls_shell.wR_factor_obs                    ? 
_refine_ls_shell.wR_factor_R_free                 ? 
_refine_ls_shell.wR_factor_R_work                 ? 
_refine_ls_shell.pdbx_total_number_of_bins_used   20 
_refine_ls_shell.pdbx_phase_error                 ? 
_refine_ls_shell.pdbx_fsc_work                    ? 
_refine_ls_shell.pdbx_fsc_free                    ? 
# 
_struct.entry_id                     6E6O 
_struct.title                        'Pheromone from Euplotes raikovi, Er-1' 
_struct.pdbx_model_details           ? 
_struct.pdbx_formula_weight          ? 
_struct.pdbx_formula_weight_method   ? 
_struct.pdbx_model_type_details      ? 
_struct.pdbx_CASP_flag               N 
# 
_struct_keywords.entry_id        6E6O 
_struct_keywords.text            'PHEROMONE, SIGNALING PROTEIN' 
_struct_keywords.pdbx_keywords   'SIGNALING PROTEIN' 
# 
loop_
_struct_asym.id 
_struct_asym.pdbx_blank_PDB_chainid_flag 
_struct_asym.pdbx_modified 
_struct_asym.entity_id 
_struct_asym.details 
A N N 1 ? 
B N N 2 ? 
# 
_struct_ref.id                         1 
_struct_ref.db_name                    UNP 
_struct_ref.db_code                    MER1_EUPRA 
_struct_ref.pdbx_db_accession          P10774 
_struct_ref.pdbx_db_isoform            P10774-2 
_struct_ref.entity_id                  1 
_struct_ref.pdbx_seq_one_letter_code   DACEQAAIQCVESACESLCTEGEDRTGCYMYIYSNCPPYV 
_struct_ref.pdbx_align_begin           91 
# 
_struct_ref_seq.align_id                      1 
_struct_ref_seq.ref_id                        1 
_struct_ref_seq.pdbx_PDB_id_code              6E6O 
_struct_ref_seq.pdbx_strand_id                A 
_struct_ref_seq.seq_align_beg                 1 
_struct_ref_seq.pdbx_seq_align_beg_ins_code   ? 
_struct_ref_seq.seq_align_end                 40 
_struct_ref_seq.pdbx_seq_align_end_ins_code   ? 
_struct_ref_seq.pdbx_db_accession             P10774 
_struct_ref_seq.db_align_beg                  91 
_struct_ref_seq.pdbx_db_align_beg_ins_code    ? 
_struct_ref_seq.db_align_end                  130 
_struct_ref_seq.pdbx_db_align_end_ins_code    ? 
_struct_ref_seq.pdbx_auth_seq_align_beg       1 
_struct_ref_seq.pdbx_auth_seq_align_end       40 
# 
_pdbx_struct_assembly.id                   1 
_pdbx_struct_assembly.details              author_and_software_defined_assembly 
_pdbx_struct_assembly.method_details       PISA 
_pdbx_struct_assembly.oligomeric_details   monomeric 
_pdbx_struct_assembly.oligomeric_count     1 
# 
_pdbx_struct_assembly_gen.assembly_id       1 
_pdbx_struct_assembly_gen.oper_expression   1 
_pdbx_struct_assembly_gen.asym_id_list      A,B 
# 
_pdbx_struct_assembly_auth_evidence.id                     1 
_pdbx_struct_assembly_auth_evidence.assembly_id            1 
_pdbx_struct_assembly_auth_evidence.experimental_support   'mass spectrometry' 
_pdbx_struct_assembly_auth_evidence.details                ? 
# 
_pdbx_struct_oper_list.id                   1 
_pdbx_struct_oper_list.type                 'identity operation' 
_pdbx_struct_oper_list.name                 1_555 
_pdbx_struct_oper_list.symmetry_operation   x,y,z 
_pdbx_struct_oper_list.matrix[1][1]         1.0000000000 
_pdbx_struct_oper_list.matrix[1][2]         0.0000000000 
_pdbx_struct_oper_list.matrix[1][3]         0.0000000000 
_pdbx_struct_oper_list.vector[1]            0.0000000000 
_pdbx_struct_oper_list.matrix[2][1]         0.0000000000 
_pdbx_struct_oper_list.matrix[2][2]         1.0000000000 
_pdbx_struct_oper_list.matrix[2][3]         0.0000000000 
_pdbx_struct_oper_list.vector[2]            0.0000000000 
_pdbx_struct_oper_list.matrix[3][1]         0.0000000000 
_pdbx_struct_oper_list.matrix[3][2]         0.0000000000 
_pdbx_struct_oper_list.matrix[3][3]         1.0000000000 
_pdbx_struct_oper_list.vector[3]            0.0000000000 
# 
loop_
_struct_conf.conf_type_id 
_struct_conf.id 
_struct_conf.pdbx_PDB_helix_id 
_struct_conf.beg_label_comp_id 
_struct_conf.beg_label_asym_id 
_struct_conf.beg_label_seq_id 
_struct_conf.pdbx_beg_PDB_ins_code 
_struct_conf.end_label_comp_id 
_struct_conf.end_label_asym_id 
_struct_conf.end_label_seq_id 
_struct_conf.pdbx_end_PDB_ins_code 
_struct_conf.beg_auth_comp_id 
_struct_conf.beg_auth_asym_id 
_struct_conf.beg_auth_seq_id 
_struct_conf.end_auth_comp_id 
_struct_conf.end_auth_asym_id 
_struct_conf.end_auth_seq_id 
_struct_conf.pdbx_PDB_helix_class 
_struct_conf.details 
_struct_conf.pdbx_PDB_helix_length 
HELX_P HELX_P1 AA1 ASP A 1  ? CYS A 10 ? ASP A 1  CYS A 10 1 ? 10 
HELX_P HELX_P2 AA2 GLU A 12 ? CYS A 19 ? GLU A 12 CYS A 19 1 ? 8  
HELX_P HELX_P3 AA3 GLY A 22 ? CYS A 36 ? GLY A 22 CYS A 36 1 ? 15 
# 
_struct_conf_type.id          HELX_P 
_struct_conf_type.criteria    ? 
_struct_conf_type.reference   ? 
# 
loop_
_struct_conn.id 
_struct_conn.conn_type_id 
_struct_conn.pdbx_leaving_atom_flag 
_struct_conn.pdbx_PDB_id 
_struct_conn.ptnr1_label_asym_id 
_struct_conn.ptnr1_label_comp_id 
_struct_conn.ptnr1_label_seq_id 
_struct_conn.ptnr1_label_atom_id 
_struct_conn.pdbx_ptnr1_label_alt_id 
_struct_conn.pdbx_ptnr1_PDB_ins_code 
_struct_conn.pdbx_ptnr1_standard_comp_id 
_struct_conn.ptnr1_symmetry 
_struct_conn.ptnr2_label_asym_id 
_struct_conn.ptnr2_label_comp_id 
_struct_conn.ptnr2_label_seq_id 
_struct_conn.ptnr2_label_atom_id 
_struct_conn.pdbx_ptnr2_label_alt_id 
_struct_conn.pdbx_ptnr2_PDB_ins_code 
_struct_conn.ptnr1_auth_asym_id 
_struct_conn.ptnr1_auth_comp_id 
_struct_conn.ptnr1_auth_seq_id 
_struct_conn.ptnr2_auth_asym_id 
_struct_conn.ptnr2_auth_comp_id 
_struct_conn.ptnr2_auth_seq_id 
_struct_conn.ptnr2_symmetry 
_struct_conn.pdbx_ptnr3_label_atom_id 
_struct_conn.pdbx_ptnr3_label_seq_id 
_struct_conn.pdbx_ptnr3_label_comp_id 
_struct_conn.pdbx_ptnr3_label_asym_id 
_struct_conn.pdbx_ptnr3_label_alt_id 
_struct_conn.pdbx_ptnr3_PDB_ins_code 
_struct_conn.details 
_struct_conn.pdbx_dist_value 
_struct_conn.pdbx_value_order 
_struct_conn.pdbx_role 
disulf1 disulf ? ? A CYS 3  SG ? ? ? 1_555 A CYS 19 SG ? ? A CYS 3  A CYS 19 1_555 ? ? ? ? ? ? ? 2.013 ? ? 
disulf2 disulf ? ? A CYS 10 SG ? ? ? 1_555 A CYS 36 SG ? ? A CYS 10 A CYS 36 1_555 ? ? ? ? ? ? ? 2.029 ? ? 
disulf3 disulf ? ? A CYS 15 SG A ? ? 1_555 A CYS 28 SG A ? A CYS 15 A CYS 28 1_555 ? ? ? ? ? ? ? 2.039 ? ? 
disulf4 disulf ? ? A CYS 15 SG B ? ? 1_555 A CYS 28 SG B ? A CYS 15 A CYS 28 1_555 ? ? ? ? ? ? ? 2.081 ? ? 
# 
_struct_conn_type.id          disulf 
_struct_conn_type.criteria    ? 
_struct_conn_type.reference   ? 
# 
loop_
_pdbx_modification_feature.ordinal 
_pdbx_modification_feature.label_comp_id 
_pdbx_modification_feature.label_asym_id 
_pdbx_modification_feature.label_seq_id 
_pdbx_modification_feature.label_alt_id 
_pdbx_modification_feature.modified_residue_label_comp_id 
_pdbx_modification_feature.modified_residue_label_asym_id 
_pdbx_modification_feature.modified_residue_label_seq_id 
_pdbx_modification_feature.modified_residue_label_alt_id 
_pdbx_modification_feature.auth_comp_id 
_pdbx_modification_feature.auth_asym_id 
_pdbx_modification_feature.auth_seq_id 
_pdbx_modification_feature.PDB_ins_code 
_pdbx_modification_feature.symmetry 
_pdbx_modification_feature.modified_residue_auth_comp_id 
_pdbx_modification_feature.modified_residue_auth_asym_id 
_pdbx_modification_feature.modified_residue_auth_seq_id 
_pdbx_modification_feature.modified_residue_PDB_ins_code 
_pdbx_modification_feature.modified_residue_symmetry 
_pdbx_modification_feature.comp_id_linking_atom 
_pdbx_modification_feature.modified_residue_id_linking_atom 
_pdbx_modification_feature.modified_residue_id 
_pdbx_modification_feature.ref_pcm_id 
_pdbx_modification_feature.ref_comp_id 
_pdbx_modification_feature.type 
_pdbx_modification_feature.category 
1 CYS A 3  ? CYS A 19 ? CYS A 3  ? 1_555 CYS A 19 ? 1_555 SG SG . . . None 'Disulfide bridge' 
2 CYS A 10 ? CYS A 36 ? CYS A 10 ? 1_555 CYS A 36 ? 1_555 SG SG . . . None 'Disulfide bridge' 
3 CYS A 15 A CYS A 28 A CYS A 15 ? 1_555 CYS A 28 ? 1_555 SG SG . . . None 'Disulfide bridge' 
4 CYS A 15 B CYS A 28 B CYS A 15 ? 1_555 CYS A 28 ? 1_555 SG SG . . . None 'Disulfide bridge' 
# 
_struct_mon_prot_cis.pdbx_id                1 
_struct_mon_prot_cis.label_comp_id          PRO 
_struct_mon_prot_cis.label_seq_id           37 
_struct_mon_prot_cis.label_asym_id          A 
_struct_mon_prot_cis.label_alt_id           . 
_struct_mon_prot_cis.pdbx_PDB_ins_code      ? 
_struct_mon_prot_cis.auth_comp_id           PRO 
_struct_mon_prot_cis.auth_seq_id            37 
_struct_mon_prot_cis.auth_asym_id           A 
_struct_mon_prot_cis.pdbx_label_comp_id_2   PRO 
_struct_mon_prot_cis.pdbx_label_seq_id_2    38 
_struct_mon_prot_cis.pdbx_label_asym_id_2   A 
_struct_mon_prot_cis.pdbx_PDB_ins_code_2    ? 
_struct_mon_prot_cis.pdbx_auth_comp_id_2    PRO 
_struct_mon_prot_cis.pdbx_auth_seq_id_2     38 
_struct_mon_prot_cis.pdbx_auth_asym_id_2    A 
_struct_mon_prot_cis.pdbx_PDB_model_num     1 
_struct_mon_prot_cis.pdbx_omega_angle       0.53 
# 
_pdbx_entry_details.entry_id                   6E6O 
_pdbx_entry_details.compound_details           ? 
_pdbx_entry_details.source_details             ? 
_pdbx_entry_details.nonpolymer_details         ? 
_pdbx_entry_details.sequence_details           ? 
_pdbx_entry_details.has_ligand_of_interest     ? 
_pdbx_entry_details.has_protein_modification   Y 
# 
_pdbx_validate_close_contact.id               1 
_pdbx_validate_close_contact.PDB_model_num    1 
_pdbx_validate_close_contact.auth_atom_id_1   OG 
_pdbx_validate_close_contact.auth_asym_id_1   A 
_pdbx_validate_close_contact.auth_comp_id_1   SER 
_pdbx_validate_close_contact.auth_seq_id_1    34 
_pdbx_validate_close_contact.PDB_ins_code_1   ? 
_pdbx_validate_close_contact.label_alt_id_1   B 
_pdbx_validate_close_contact.auth_atom_id_2   O 
_pdbx_validate_close_contact.auth_asym_id_2   A 
_pdbx_validate_close_contact.auth_comp_id_2   HOH 
_pdbx_validate_close_contact.auth_seq_id_2    101 
_pdbx_validate_close_contact.PDB_ins_code_2   ? 
_pdbx_validate_close_contact.label_alt_id_2   ? 
_pdbx_validate_close_contact.dist             1.96 
# 
loop_
_pdbx_validate_rmsd_angle.id 
_pdbx_validate_rmsd_angle.PDB_model_num 
_pdbx_validate_rmsd_angle.auth_atom_id_1 
_pdbx_validate_rmsd_angle.auth_asym_id_1 
_pdbx_validate_rmsd_angle.auth_comp_id_1 
_pdbx_validate_rmsd_angle.auth_seq_id_1 
_pdbx_validate_rmsd_angle.PDB_ins_code_1 
_pdbx_validate_rmsd_angle.label_alt_id_1 
_pdbx_validate_rmsd_angle.auth_atom_id_2 
_pdbx_validate_rmsd_angle.auth_asym_id_2 
_pdbx_validate_rmsd_angle.auth_comp_id_2 
_pdbx_validate_rmsd_angle.auth_seq_id_2 
_pdbx_validate_rmsd_angle.PDB_ins_code_2 
_pdbx_validate_rmsd_angle.label_alt_id_2 
_pdbx_validate_rmsd_angle.auth_atom_id_3 
_pdbx_validate_rmsd_angle.auth_asym_id_3 
_pdbx_validate_rmsd_angle.auth_comp_id_3 
_pdbx_validate_rmsd_angle.auth_seq_id_3 
_pdbx_validate_rmsd_angle.PDB_ins_code_3 
_pdbx_validate_rmsd_angle.label_alt_id_3 
_pdbx_validate_rmsd_angle.angle_value 
_pdbx_validate_rmsd_angle.angle_target_value 
_pdbx_validate_rmsd_angle.angle_deviation 
_pdbx_validate_rmsd_angle.angle_standard_deviation 
_pdbx_validate_rmsd_angle.linker_flag 
1 1 CB A CYS 15 ? B CA A CYS 15 ? B C  A CYS 15 ? B 119.56 111.50 8.06   1.20 N 
2 1 CG A MET 30 ? B SD A MET 30 ? B CE A MET 30 ? B 87.90  100.20 -12.30 1.60 N 
3 1 N  A SER 34 ? ? CA A SER 34 ? B CB A SER 34 ? B 100.44 110.50 -10.06 1.50 N 
# 
_pdbx_validate_torsion.id              1 
_pdbx_validate_torsion.PDB_model_num   1 
_pdbx_validate_torsion.auth_comp_id    CYS 
_pdbx_validate_torsion.auth_asym_id    A 
_pdbx_validate_torsion.auth_seq_id     10 
_pdbx_validate_torsion.PDB_ins_code    ? 
_pdbx_validate_torsion.label_alt_id    ? 
_pdbx_validate_torsion.phi             71.81 
_pdbx_validate_torsion.psi             41.09 
# 
loop_
_chem_comp_atom.comp_id 
_chem_comp_atom.atom_id 
_chem_comp_atom.type_symbol 
_chem_comp_atom.pdbx_aromatic_flag 
_chem_comp_atom.pdbx_stereo_config 
_chem_comp_atom.pdbx_ordinal 
ALA N    N N N 1   
ALA CA   C N S 2   
ALA C    C N N 3   
ALA O    O N N 4   
ALA CB   C N N 5   
ALA OXT  O N N 6   
ALA H    H N N 7   
ALA H2   H N N 8   
ALA HA   H N N 9   
ALA HB1  H N N 10  
ALA HB2  H N N 11  
ALA HB3  H N N 12  
ALA HXT  H N N 13  
ARG N    N N N 14  
ARG CA   C N S 15  
ARG C    C N N 16  
ARG O    O N N 17  
ARG CB   C N N 18  
ARG CG   C N N 19  
ARG CD   C N N 20  
ARG NE   N N N 21  
ARG CZ   C N N 22  
ARG NH1  N N N 23  
ARG NH2  N N N 24  
ARG OXT  O N N 25  
ARG H    H N N 26  
ARG H2   H N N 27  
ARG HA   H N N 28  
ARG HB2  H N N 29  
ARG HB3  H N N 30  
ARG HG2  H N N 31  
ARG HG3  H N N 32  
ARG HD2  H N N 33  
ARG HD3  H N N 34  
ARG HE   H N N 35  
ARG HH11 H N N 36  
ARG HH12 H N N 37  
ARG HH21 H N N 38  
ARG HH22 H N N 39  
ARG HXT  H N N 40  
ASN N    N N N 41  
ASN CA   C N S 42  
ASN C    C N N 43  
ASN O    O N N 44  
ASN CB   C N N 45  
ASN CG   C N N 46  
ASN OD1  O N N 47  
ASN ND2  N N N 48  
ASN OXT  O N N 49  
ASN H    H N N 50  
ASN H2   H N N 51  
ASN HA   H N N 52  
ASN HB2  H N N 53  
ASN HB3  H N N 54  
ASN HD21 H N N 55  
ASN HD22 H N N 56  
ASN HXT  H N N 57  
ASP N    N N N 58  
ASP CA   C N S 59  
ASP C    C N N 60  
ASP O    O N N 61  
ASP CB   C N N 62  
ASP CG   C N N 63  
ASP OD1  O N N 64  
ASP OD2  O N N 65  
ASP OXT  O N N 66  
ASP H    H N N 67  
ASP H2   H N N 68  
ASP HA   H N N 69  
ASP HB2  H N N 70  
ASP HB3  H N N 71  
ASP HD2  H N N 72  
ASP HXT  H N N 73  
CYS N    N N N 74  
CYS CA   C N R 75  
CYS C    C N N 76  
CYS O    O N N 77  
CYS CB   C N N 78  
CYS SG   S N N 79  
CYS OXT  O N N 80  
CYS H    H N N 81  
CYS H2   H N N 82  
CYS HA   H N N 83  
CYS HB2  H N N 84  
CYS HB3  H N N 85  
CYS HG   H N N 86  
CYS HXT  H N N 87  
GLN N    N N N 88  
GLN CA   C N S 89  
GLN C    C N N 90  
GLN O    O N N 91  
GLN CB   C N N 92  
GLN CG   C N N 93  
GLN CD   C N N 94  
GLN OE1  O N N 95  
GLN NE2  N N N 96  
GLN OXT  O N N 97  
GLN H    H N N 98  
GLN H2   H N N 99  
GLN HA   H N N 100 
GLN HB2  H N N 101 
GLN HB3  H N N 102 
GLN HG2  H N N 103 
GLN HG3  H N N 104 
GLN HE21 H N N 105 
GLN HE22 H N N 106 
GLN HXT  H N N 107 
GLU N    N N N 108 
GLU CA   C N S 109 
GLU C    C N N 110 
GLU O    O N N 111 
GLU CB   C N N 112 
GLU CG   C N N 113 
GLU CD   C N N 114 
GLU OE1  O N N 115 
GLU OE2  O N N 116 
GLU OXT  O N N 117 
GLU H    H N N 118 
GLU H2   H N N 119 
GLU HA   H N N 120 
GLU HB2  H N N 121 
GLU HB3  H N N 122 
GLU HG2  H N N 123 
GLU HG3  H N N 124 
GLU HE2  H N N 125 
GLU HXT  H N N 126 
GLY N    N N N 127 
GLY CA   C N N 128 
GLY C    C N N 129 
GLY O    O N N 130 
GLY OXT  O N N 131 
GLY H    H N N 132 
GLY H2   H N N 133 
GLY HA2  H N N 134 
GLY HA3  H N N 135 
GLY HXT  H N N 136 
HOH O    O N N 137 
HOH H1   H N N 138 
HOH H2   H N N 139 
ILE N    N N N 140 
ILE CA   C N S 141 
ILE C    C N N 142 
ILE O    O N N 143 
ILE CB   C N S 144 
ILE CG1  C N N 145 
ILE CG2  C N N 146 
ILE CD1  C N N 147 
ILE OXT  O N N 148 
ILE H    H N N 149 
ILE H2   H N N 150 
ILE HA   H N N 151 
ILE HB   H N N 152 
ILE HG12 H N N 153 
ILE HG13 H N N 154 
ILE HG21 H N N 155 
ILE HG22 H N N 156 
ILE HG23 H N N 157 
ILE HD11 H N N 158 
ILE HD12 H N N 159 
ILE HD13 H N N 160 
ILE HXT  H N N 161 
LEU N    N N N 162 
LEU CA   C N S 163 
LEU C    C N N 164 
LEU O    O N N 165 
LEU CB   C N N 166 
LEU CG   C N N 167 
LEU CD1  C N N 168 
LEU CD2  C N N 169 
LEU OXT  O N N 170 
LEU H    H N N 171 
LEU H2   H N N 172 
LEU HA   H N N 173 
LEU HB2  H N N 174 
LEU HB3  H N N 175 
LEU HG   H N N 176 
LEU HD11 H N N 177 
LEU HD12 H N N 178 
LEU HD13 H N N 179 
LEU HD21 H N N 180 
LEU HD22 H N N 181 
LEU HD23 H N N 182 
LEU HXT  H N N 183 
MET N    N N N 184 
MET CA   C N S 185 
MET C    C N N 186 
MET O    O N N 187 
MET CB   C N N 188 
MET CG   C N N 189 
MET SD   S N N 190 
MET CE   C N N 191 
MET OXT  O N N 192 
MET H    H N N 193 
MET H2   H N N 194 
MET HA   H N N 195 
MET HB2  H N N 196 
MET HB3  H N N 197 
MET HG2  H N N 198 
MET HG3  H N N 199 
MET HE1  H N N 200 
MET HE2  H N N 201 
MET HE3  H N N 202 
MET HXT  H N N 203 
PRO N    N N N 204 
PRO CA   C N S 205 
PRO C    C N N 206 
PRO O    O N N 207 
PRO CB   C N N 208 
PRO CG   C N N 209 
PRO CD   C N N 210 
PRO OXT  O N N 211 
PRO H    H N N 212 
PRO HA   H N N 213 
PRO HB2  H N N 214 
PRO HB3  H N N 215 
PRO HG2  H N N 216 
PRO HG3  H N N 217 
PRO HD2  H N N 218 
PRO HD3  H N N 219 
PRO HXT  H N N 220 
SER N    N N N 221 
SER CA   C N S 222 
SER C    C N N 223 
SER O    O N N 224 
SER CB   C N N 225 
SER OG   O N N 226 
SER OXT  O N N 227 
SER H    H N N 228 
SER H2   H N N 229 
SER HA   H N N 230 
SER HB2  H N N 231 
SER HB3  H N N 232 
SER HG   H N N 233 
SER HXT  H N N 234 
THR N    N N N 235 
THR CA   C N S 236 
THR C    C N N 237 
THR O    O N N 238 
THR CB   C N R 239 
THR OG1  O N N 240 
THR CG2  C N N 241 
THR OXT  O N N 242 
THR H    H N N 243 
THR H2   H N N 244 
THR HA   H N N 245 
THR HB   H N N 246 
THR HG1  H N N 247 
THR HG21 H N N 248 
THR HG22 H N N 249 
THR HG23 H N N 250 
THR HXT  H N N 251 
TYR N    N N N 252 
TYR CA   C N S 253 
TYR C    C N N 254 
TYR O    O N N 255 
TYR CB   C N N 256 
TYR CG   C Y N 257 
TYR CD1  C Y N 258 
TYR CD2  C Y N 259 
TYR CE1  C Y N 260 
TYR CE2  C Y N 261 
TYR CZ   C Y N 262 
TYR OH   O N N 263 
TYR OXT  O N N 264 
TYR H    H N N 265 
TYR H2   H N N 266 
TYR HA   H N N 267 
TYR HB2  H N N 268 
TYR HB3  H N N 269 
TYR HD1  H N N 270 
TYR HD2  H N N 271 
TYR HE1  H N N 272 
TYR HE2  H N N 273 
TYR HH   H N N 274 
TYR HXT  H N N 275 
VAL N    N N N 276 
VAL CA   C N S 277 
VAL C    C N N 278 
VAL O    O N N 279 
VAL CB   C N N 280 
VAL CG1  C N N 281 
VAL CG2  C N N 282 
VAL OXT  O N N 283 
VAL H    H N N 284 
VAL H2   H N N 285 
VAL HA   H N N 286 
VAL HB   H N N 287 
VAL HG11 H N N 288 
VAL HG12 H N N 289 
VAL HG13 H N N 290 
VAL HG21 H N N 291 
VAL HG22 H N N 292 
VAL HG23 H N N 293 
VAL HXT  H N N 294 
# 
loop_
_chem_comp_bond.comp_id 
_chem_comp_bond.atom_id_1 
_chem_comp_bond.atom_id_2 
_chem_comp_bond.value_order 
_chem_comp_bond.pdbx_aromatic_flag 
_chem_comp_bond.pdbx_stereo_config 
_chem_comp_bond.pdbx_ordinal 
ALA N   CA   sing N N 1   
ALA N   H    sing N N 2   
ALA N   H2   sing N N 3   
ALA CA  C    sing N N 4   
ALA CA  CB   sing N N 5   
ALA CA  HA   sing N N 6   
ALA C   O    doub N N 7   
ALA C   OXT  sing N N 8   
ALA CB  HB1  sing N N 9   
ALA CB  HB2  sing N N 10  
ALA CB  HB3  sing N N 11  
ALA OXT HXT  sing N N 12  
ARG N   CA   sing N N 13  
ARG N   H    sing N N 14  
ARG N   H2   sing N N 15  
ARG CA  C    sing N N 16  
ARG CA  CB   sing N N 17  
ARG CA  HA   sing N N 18  
ARG C   O    doub N N 19  
ARG C   OXT  sing N N 20  
ARG CB  CG   sing N N 21  
ARG CB  HB2  sing N N 22  
ARG CB  HB3  sing N N 23  
ARG CG  CD   sing N N 24  
ARG CG  HG2  sing N N 25  
ARG CG  HG3  sing N N 26  
ARG CD  NE   sing N N 27  
ARG CD  HD2  sing N N 28  
ARG CD  HD3  sing N N 29  
ARG NE  CZ   sing N N 30  
ARG NE  HE   sing N N 31  
ARG CZ  NH1  sing N N 32  
ARG CZ  NH2  doub N N 33  
ARG NH1 HH11 sing N N 34  
ARG NH1 HH12 sing N N 35  
ARG NH2 HH21 sing N N 36  
ARG NH2 HH22 sing N N 37  
ARG OXT HXT  sing N N 38  
ASN N   CA   sing N N 39  
ASN N   H    sing N N 40  
ASN N   H2   sing N N 41  
ASN CA  C    sing N N 42  
ASN CA  CB   sing N N 43  
ASN CA  HA   sing N N 44  
ASN C   O    doub N N 45  
ASN C   OXT  sing N N 46  
ASN CB  CG   sing N N 47  
ASN CB  HB2  sing N N 48  
ASN CB  HB3  sing N N 49  
ASN CG  OD1  doub N N 50  
ASN CG  ND2  sing N N 51  
ASN ND2 HD21 sing N N 52  
ASN ND2 HD22 sing N N 53  
ASN OXT HXT  sing N N 54  
ASP N   CA   sing N N 55  
ASP N   H    sing N N 56  
ASP N   H2   sing N N 57  
ASP CA  C    sing N N 58  
ASP CA  CB   sing N N 59  
ASP CA  HA   sing N N 60  
ASP C   O    doub N N 61  
ASP C   OXT  sing N N 62  
ASP CB  CG   sing N N 63  
ASP CB  HB2  sing N N 64  
ASP CB  HB3  sing N N 65  
ASP CG  OD1  doub N N 66  
ASP CG  OD2  sing N N 67  
ASP OD2 HD2  sing N N 68  
ASP OXT HXT  sing N N 69  
CYS N   CA   sing N N 70  
CYS N   H    sing N N 71  
CYS N   H2   sing N N 72  
CYS CA  C    sing N N 73  
CYS CA  CB   sing N N 74  
CYS CA  HA   sing N N 75  
CYS C   O    doub N N 76  
CYS C   OXT  sing N N 77  
CYS CB  SG   sing N N 78  
CYS CB  HB2  sing N N 79  
CYS CB  HB3  sing N N 80  
CYS SG  HG   sing N N 81  
CYS OXT HXT  sing N N 82  
GLN N   CA   sing N N 83  
GLN N   H    sing N N 84  
GLN N   H2   sing N N 85  
GLN CA  C    sing N N 86  
GLN CA  CB   sing N N 87  
GLN CA  HA   sing N N 88  
GLN C   O    doub N N 89  
GLN C   OXT  sing N N 90  
GLN CB  CG   sing N N 91  
GLN CB  HB2  sing N N 92  
GLN CB  HB3  sing N N 93  
GLN CG  CD   sing N N 94  
GLN CG  HG2  sing N N 95  
GLN CG  HG3  sing N N 96  
GLN CD  OE1  doub N N 97  
GLN CD  NE2  sing N N 98  
GLN NE2 HE21 sing N N 99  
GLN NE2 HE22 sing N N 100 
GLN OXT HXT  sing N N 101 
GLU N   CA   sing N N 102 
GLU N   H    sing N N 103 
GLU N   H2   sing N N 104 
GLU CA  C    sing N N 105 
GLU CA  CB   sing N N 106 
GLU CA  HA   sing N N 107 
GLU C   O    doub N N 108 
GLU C   OXT  sing N N 109 
GLU CB  CG   sing N N 110 
GLU CB  HB2  sing N N 111 
GLU CB  HB3  sing N N 112 
GLU CG  CD   sing N N 113 
GLU CG  HG2  sing N N 114 
GLU CG  HG3  sing N N 115 
GLU CD  OE1  doub N N 116 
GLU CD  OE2  sing N N 117 
GLU OE2 HE2  sing N N 118 
GLU OXT HXT  sing N N 119 
GLY N   CA   sing N N 120 
GLY N   H    sing N N 121 
GLY N   H2   sing N N 122 
GLY CA  C    sing N N 123 
GLY CA  HA2  sing N N 124 
GLY CA  HA3  sing N N 125 
GLY C   O    doub N N 126 
GLY C   OXT  sing N N 127 
GLY OXT HXT  sing N N 128 
HOH O   H1   sing N N 129 
HOH O   H2   sing N N 130 
ILE N   CA   sing N N 131 
ILE N   H    sing N N 132 
ILE N   H2   sing N N 133 
ILE CA  C    sing N N 134 
ILE CA  CB   sing N N 135 
ILE CA  HA   sing N N 136 
ILE C   O    doub N N 137 
ILE C   OXT  sing N N 138 
ILE CB  CG1  sing N N 139 
ILE CB  CG2  sing N N 140 
ILE CB  HB   sing N N 141 
ILE CG1 CD1  sing N N 142 
ILE CG1 HG12 sing N N 143 
ILE CG1 HG13 sing N N 144 
ILE CG2 HG21 sing N N 145 
ILE CG2 HG22 sing N N 146 
ILE CG2 HG23 sing N N 147 
ILE CD1 HD11 sing N N 148 
ILE CD1 HD12 sing N N 149 
ILE CD1 HD13 sing N N 150 
ILE OXT HXT  sing N N 151 
LEU N   CA   sing N N 152 
LEU N   H    sing N N 153 
LEU N   H2   sing N N 154 
LEU CA  C    sing N N 155 
LEU CA  CB   sing N N 156 
LEU CA  HA   sing N N 157 
LEU C   O    doub N N 158 
LEU C   OXT  sing N N 159 
LEU CB  CG   sing N N 160 
LEU CB  HB2  sing N N 161 
LEU CB  HB3  sing N N 162 
LEU CG  CD1  sing N N 163 
LEU CG  CD2  sing N N 164 
LEU CG  HG   sing N N 165 
LEU CD1 HD11 sing N N 166 
LEU CD1 HD12 sing N N 167 
LEU CD1 HD13 sing N N 168 
LEU CD2 HD21 sing N N 169 
LEU CD2 HD22 sing N N 170 
LEU CD2 HD23 sing N N 171 
LEU OXT HXT  sing N N 172 
MET N   CA   sing N N 173 
MET N   H    sing N N 174 
MET N   H2   sing N N 175 
MET CA  C    sing N N 176 
MET CA  CB   sing N N 177 
MET CA  HA   sing N N 178 
MET C   O    doub N N 179 
MET C   OXT  sing N N 180 
MET CB  CG   sing N N 181 
MET CB  HB2  sing N N 182 
MET CB  HB3  sing N N 183 
MET CG  SD   sing N N 184 
MET CG  HG2  sing N N 185 
MET CG  HG3  sing N N 186 
MET SD  CE   sing N N 187 
MET CE  HE1  sing N N 188 
MET CE  HE2  sing N N 189 
MET CE  HE3  sing N N 190 
MET OXT HXT  sing N N 191 
PRO N   CA   sing N N 192 
PRO N   CD   sing N N 193 
PRO N   H    sing N N 194 
PRO CA  C    sing N N 195 
PRO CA  CB   sing N N 196 
PRO CA  HA   sing N N 197 
PRO C   O    doub N N 198 
PRO C   OXT  sing N N 199 
PRO CB  CG   sing N N 200 
PRO CB  HB2  sing N N 201 
PRO CB  HB3  sing N N 202 
PRO CG  CD   sing N N 203 
PRO CG  HG2  sing N N 204 
PRO CG  HG3  sing N N 205 
PRO CD  HD2  sing N N 206 
PRO CD  HD3  sing N N 207 
PRO OXT HXT  sing N N 208 
SER N   CA   sing N N 209 
SER N   H    sing N N 210 
SER N   H2   sing N N 211 
SER CA  C    sing N N 212 
SER CA  CB   sing N N 213 
SER CA  HA   sing N N 214 
SER C   O    doub N N 215 
SER C   OXT  sing N N 216 
SER CB  OG   sing N N 217 
SER CB  HB2  sing N N 218 
SER CB  HB3  sing N N 219 
SER OG  HG   sing N N 220 
SER OXT HXT  sing N N 221 
THR N   CA   sing N N 222 
THR N   H    sing N N 223 
THR N   H2   sing N N 224 
THR CA  C    sing N N 225 
THR CA  CB   sing N N 226 
THR CA  HA   sing N N 227 
THR C   O    doub N N 228 
THR C   OXT  sing N N 229 
THR CB  OG1  sing N N 230 
THR CB  CG2  sing N N 231 
THR CB  HB   sing N N 232 
THR OG1 HG1  sing N N 233 
THR CG2 HG21 sing N N 234 
THR CG2 HG22 sing N N 235 
THR CG2 HG23 sing N N 236 
THR OXT HXT  sing N N 237 
TYR N   CA   sing N N 238 
TYR N   H    sing N N 239 
TYR N   H2   sing N N 240 
TYR CA  C    sing N N 241 
TYR CA  CB   sing N N 242 
TYR CA  HA   sing N N 243 
TYR C   O    doub N N 244 
TYR C   OXT  sing N N 245 
TYR CB  CG   sing N N 246 
TYR CB  HB2  sing N N 247 
TYR CB  HB3  sing N N 248 
TYR CG  CD1  doub Y N 249 
TYR CG  CD2  sing Y N 250 
TYR CD1 CE1  sing Y N 251 
TYR CD1 HD1  sing N N 252 
TYR CD2 CE2  doub Y N 253 
TYR CD2 HD2  sing N N 254 
TYR CE1 CZ   doub Y N 255 
TYR CE1 HE1  sing N N 256 
TYR CE2 CZ   sing Y N 257 
TYR CE2 HE2  sing N N 258 
TYR CZ  OH   sing N N 259 
TYR OH  HH   sing N N 260 
TYR OXT HXT  sing N N 261 
VAL N   CA   sing N N 262 
VAL N   H    sing N N 263 
VAL N   H2   sing N N 264 
VAL CA  C    sing N N 265 
VAL CA  CB   sing N N 266 
VAL CA  HA   sing N N 267 
VAL C   O    doub N N 268 
VAL C   OXT  sing N N 269 
VAL CB  CG1  sing N N 270 
VAL CB  CG2  sing N N 271 
VAL CB  HB   sing N N 272 
VAL CG1 HG11 sing N N 273 
VAL CG1 HG12 sing N N 274 
VAL CG1 HG13 sing N N 275 
VAL CG2 HG21 sing N N 276 
VAL CG2 HG22 sing N N 277 
VAL CG2 HG23 sing N N 278 
VAL OXT HXT  sing N N 279 
# 
_atom_sites.entry_id                    6E6O 
_atom_sites.fract_transf_matrix[1][1]   -0.01213389 
_atom_sites.fract_transf_matrix[1][2]   0.01588237 
_atom_sites.fract_transf_matrix[1][3]   0.00006218 
_atom_sites.fract_transf_matrix[2][1]   0.02162502 
_atom_sites.fract_transf_matrix[2][2]   0.01638394 
_atom_sites.fract_transf_matrix[2][3]   0.03505309 
_atom_sites.fract_transf_matrix[3][1]   0.01735957 
_atom_sites.fract_transf_matrix[3][2]   0.03388940 
_atom_sites.fract_transf_matrix[3][3]   -0.02654953 
_atom_sites.fract_transf_vector[1]      0.677632 
_atom_sites.fract_transf_vector[2]      0.449515 
_atom_sites.fract_transf_vector[3]      0.505553 
# 
loop_
_atom_type.symbol 
C 
H 
N 
O 
S 
# 
loop_
_atom_site.group_PDB 
_atom_site.id 
_atom_site.type_symbol 
_atom_site.label_atom_id 
_atom_site.label_alt_id 
_atom_site.label_comp_id 
_atom_site.label_asym_id 
_atom_site.label_entity_id 
_atom_site.label_seq_id 
_atom_site.pdbx_PDB_ins_code 
_atom_site.Cartn_x 
_atom_site.Cartn_y 
_atom_site.Cartn_z 
_atom_site.occupancy 
_atom_site.B_iso_or_equiv 
_atom_site.pdbx_formal_charge 
_atom_site.auth_seq_id 
_atom_site.auth_comp_id 
_atom_site.auth_asym_id 
_atom_site.auth_atom_id 
_atom_site.pdbx_PDB_model_num 
ATOM   1   N N   . ASP A 1 1  ? 7.728  -3.475  7.578   1.00 13.36 ? 1   ASP A N   1 
ATOM   2   C CA  . ASP A 1 1  ? 7.882  -4.781  6.844   1.00 10.62 ? 1   ASP A CA  1 
ATOM   3   C C   . ASP A 1 1  ? 7.829  -4.440  5.356   1.00 8.84  ? 1   ASP A C   1 
ATOM   4   O O   . ASP A 1 1  ? 7.810  -3.242  4.962   1.00 10.80 ? 1   ASP A O   1 
ATOM   5   C CB  . ASP A 1 1  ? 6.835  -5.786  7.281   1.00 10.72 ? 1   ASP A CB  1 
ATOM   6   C CG  . ASP A 1 1  ? 5.436  -5.297  7.014   1.00 10.16 ? 1   ASP A CG  1 
ATOM   7   O OD1 . ASP A 1 1  ? 5.311  -4.258  6.320   1.00 10.90 ? 1   ASP A OD1 1 
ATOM   8   O OD2 . ASP A 1 1  ? 4.472  -5.935  7.462   1.00 12.94 ? 1   ASP A OD2 1 
ATOM   9   N N   . ALA A 1 2  ? 7.898  -5.467  4.500   1.00 8.47  ? 2   ALA A N   1 
ATOM   10  C CA  . ALA A 1 2  ? 7.912  -5.233  3.072   1.00 7.15  ? 2   ALA A CA  1 
ATOM   11  C C   . ALA A 1 2  ? 6.598  -4.546  2.578   1.00 6.62  ? 2   ALA A C   1 
ATOM   12  O O   . ALA A 1 2  ? 6.632  -3.770  1.686   1.00 7.40  ? 2   ALA A O   1 
ATOM   13  C CB  . ALA A 1 2  ? 8.178  -6.531  2.315   1.00 7.15  ? 2   ALA A CB  1 
ATOM   14  N N   . CYS A 1 3  ? 5.476  -4.960  3.171   1.00 6.83  ? 3   CYS A N   1 
ATOM   15  C CA  . CYS A 1 3  ? 4.198  -4.328  2.872   1.00 6.28  ? 3   CYS A CA  1 
ATOM   16  C C   . CYS A 1 3  ? 4.247  -2.811  3.058   1.00 5.55  ? 3   CYS A C   1 
ATOM   17  O O   . CYS A 1 3  ? 3.886  -2.045  2.151   1.00 5.60  ? 3   CYS A O   1 
ATOM   18  C CB  . CYS A 1 3  ? 3.109  -4.959  3.734   1.00 7.66  ? 3   CYS A CB  1 
ATOM   19  S SG  . CYS A 1 3  ? 1.490  -4.112  3.654   1.00 7.24  ? 3   CYS A SG  1 
ATOM   20  N N   . GLU A 1 4  ? 4.671  -2.361  4.231   1.00 6.30  ? 4   GLU A N   1 
ATOM   21  C CA  . GLU A 1 4  ? 4.721  -0.953  4.560   1.00 6.55  ? 4   GLU A CA  1 
ATOM   22  C C   . GLU A 1 4  ? 5.632  -0.253  3.549   1.00 5.59  ? 4   GLU A C   1 
ATOM   23  O O   . GLU A 1 4  ? 5.370  0.843   3.051   1.00 5.69  ? 4   GLU A O   1 
ATOM   24  C CB  . GLU A 1 4  ? 5.289  -0.861  5.976   1.00 6.84  ? 4   GLU A CB  1 
ATOM   25  C CG  . GLU A 1 4  ? 5.485  0.543   6.498   1.00 7.45  ? 4   GLU A CG  1 
ATOM   26  C CD  . GLU A 1 4  ? 6.187  0.556   7.827   1.00 8.72  ? 4   GLU A CD  1 
ATOM   27  O OE1 . GLU A 1 4  ? 6.702  -0.518  8.277   1.00 11.78 ? 4   GLU A OE1 1 
ATOM   28  O OE2 . GLU A 1 4  ? 6.146  1.647   8.475   1.00 9.90  ? 4   GLU A OE2 1 
ATOM   29  N N   . GLN A 1 5  ? 6.791  -0.864  3.304   1.00 6.61  ? 5   GLN A N   1 
ATOM   30  C CA  . GLN A 1 5  ? 7.754  -0.242  2.410   1.00 7.23  ? 5   GLN A CA  1 
ATOM   31  C C   . GLN A 1 5  ? 7.300  -0.245  1.002   1.00 6.92  ? 5   GLN A C   1 
ATOM   32  O O   . GLN A 1 5  ? 7.562  0.715   0.261   1.00 7.74  ? 5   GLN A O   1 
ATOM   33  C CB  . GLN A 1 5  ? 9.129  -0.934  2.567   1.00 9.09  ? 5   GLN A CB  1 
ATOM   34  C CG  . GLN A 1 5  ? 9.714  -0.766  3.970   1.00 11.72 ? 5   GLN A CG  1 
ATOM   35  C CD  . GLN A 1 5  ? 9.948  0.676   4.248   1.00 17.16 ? 5   GLN A CD  1 
ATOM   36  O OE1 . GLN A 1 5  ? 10.450 1.434   3.385   1.00 26.59 ? 5   GLN A OE1 1 
ATOM   37  N NE2 . GLN A 1 5  ? 9.569  1.094   5.444   1.00 24.96 ? 5   GLN A NE2 1 
ATOM   38  N N   . ALA A 1 6  ? 6.583  -1.210  0.514   1.00 7.24  ? 6   ALA A N   1 
ATOM   39  C CA  . ALA A 1 6  ? 6.037  -1.222  -0.833  1.00 7.16  ? 6   ALA A CA  1 
ATOM   40  C C   . ALA A 1 6  ? 4.954  -0.136  -0.993  1.00 6.64  ? 6   ALA A C   1 
ATOM   41  O O   . ALA A 1 6  ? 4.896  0.492   -2.043  1.00 6.84  ? 6   ALA A O   1 
ATOM   42  C CB  . ALA A 1 6  ? 5.461  -2.593  -1.191  1.00 8.41  ? 6   ALA A CB  1 
ATOM   43  N N   . ALA A 1 7  ? 4.036  0.097   0.011   1.00 5.29  ? 7   ALA A N   1 
ATOM   44  C CA  . ALA A 1 7  ? 3.158  1.250   -0.002  1.00 4.73  ? 7   ALA A CA  1 
ATOM   45  C C   . ALA A 1 7  ? 3.936  2.533   -0.187  1.00 4.44  ? 7   ALA A C   1 
ATOM   46  O O   . ALA A 1 7  ? 3.609  3.383   -1.031  1.00 4.67  ? 7   ALA A O   1 
ATOM   47  C CB  . ALA A 1 7  ? 2.371  1.281   1.315   1.00 5.29  ? 7   ALA A CB  1 
ATOM   48  N N   . ILE A 1 8  ? 5.015  2.688   0.612   1.00 4.54  ? 8   ILE A N   1 
ATOM   49  C CA  . ILE A 1 8  ? 5.769  3.923   0.571   1.00 5.01  ? 8   ILE A CA  1 
ATOM   50  C C   . ILE A 1 8  ? 6.495  4.089   -0.790  1.00 5.47  ? 8   ILE A C   1 
ATOM   51  O O   . ILE A 1 8  ? 6.715  5.210   -1.233  1.00 6.18  ? 8   ILE A O   1 
ATOM   52  C CB  . ILE A 1 8  ? 6.660  3.994   1.842   1.00 6.22  ? 8   ILE A CB  1 
ATOM   53  C CG1 . ILE A 1 8  ? 5.769  4.134   3.130   1.00 7.24  ? 8   ILE A CG1 1 
ATOM   54  C CG2 . ILE A 1 8  ? 7.632  5.145   1.778   1.00 8.12  ? 8   ILE A CG2 1 
ATOM   55  C CD1 . ILE A 1 8  ? 6.481  3.914   4.450   1.00 8.32  ? 8   ILE A CD1 1 
ATOM   56  N N   . GLN A 1 9  ? 6.821  2.994   -1.458  1.00 5.40  ? 9   GLN A N   1 
ATOM   57  C CA  A GLN A 1 9  ? 7.385  3.081   -2.755  0.57 5.59  ? 9   GLN A CA  1 
ATOM   58  C CA  B GLN A 1 9  ? 7.330  2.996   -2.885  0.43 5.62  ? 9   GLN A CA  1 
ATOM   59  C C   . GLN A 1 9  ? 6.312  3.361   -3.898  1.00 5.43  ? 9   GLN A C   1 
ATOM   60  O O   . GLN A 1 9  ? 6.704  3.620   -5.019  1.00 6.91  ? 9   GLN A O   1 
ATOM   61  C CB  A GLN A 1 9  ? 8.185  1.821   -2.938  0.57 4.62  ? 9   GLN A CB  1 
ATOM   62  C CB  B GLN A 1 9  ? 7.959  1.672   -3.402  0.43 4.78  ? 9   GLN A CB  1 
ATOM   63  C CG  A GLN A 1 9  ? 9.087  1.886   -4.183  0.57 4.92  ? 9   GLN A CG  1 
ATOM   64  C CG  B GLN A 1 9  ? 9.189  1.342   -2.655  0.43 5.07  ? 9   GLN A CG  1 
ATOM   65  C CD  A GLN A 1 9  ? 9.953  0.687   -4.366  0.57 5.07  ? 9   GLN A CD  1 
ATOM   66  C CD  B GLN A 1 9  ? 10.240 2.440   -2.680  0.43 6.06  ? 9   GLN A CD  1 
ATOM   67  O OE1 A GLN A 1 9  ? 10.537 0.187   -3.393  0.57 6.39  ? 9   GLN A OE1 1 
ATOM   68  O OE1 B GLN A 1 9  ? 10.474 3.095   -3.699  0.43 7.64  ? 9   GLN A OE1 1 
ATOM   69  N NE2 A GLN A 1 9  ? 10.130 0.242   -5.637  0.57 5.16  ? 9   GLN A NE2 1 
ATOM   70  N NE2 B GLN A 1 9  ? 10.906 2.607   -1.548  0.43 7.63  ? 9   GLN A NE2 1 
ATOM   71  N N   . CYS A 1 10 ? 5.054  3.303   -3.543  1.00 4.87  ? 10  CYS A N   1 
ATOM   72  C CA  . CYS A 1 10 ? 3.962  3.607   -4.445  1.00 5.06  ? 10  CYS A CA  1 
ATOM   73  C C   . CYS A 1 10 ? 3.771  2.521   -5.505  1.00 5.27  ? 10  CYS A C   1 
ATOM   74  O O   . CYS A 1 10 ? 3.533  2.827   -6.676  1.00 7.67  ? 10  CYS A O   1 
ATOM   75  C CB  . CYS A 1 10 ? 4.082  5.014   -5.072  1.00 5.39  ? 10  CYS A CB  1 
ATOM   76  S SG  . CYS A 1 10 ? 4.218  6.339   -3.886  1.00 6.35  ? 10  CYS A SG  1 
ATOM   77  N N   . VAL A 1 11 ? 3.883  1.258   -5.099  1.00 4.87  ? 11  VAL A N   1 
ATOM   78  C CA  . VAL A 1 11 ? 3.746  0.133   -6.010  1.00 4.97  ? 11  VAL A CA  1 
ATOM   79  C C   . VAL A 1 11 ? 2.538  -0.687  -5.541  1.00 4.98  ? 11  VAL A C   1 
ATOM   80  O O   . VAL A 1 11 ? 2.638  -1.605  -4.738  1.00 5.15  ? 11  VAL A O   1 
ATOM   81  C CB  . VAL A 1 11 ? 5.017  -0.711  -6.085  1.00 5.20  ? 11  VAL A CB  1 
ATOM   82  C CG1 . VAL A 1 11 ? 4.852  -1.852  -7.047  1.00 6.07  ? 11  VAL A CG1 1 
ATOM   83  C CG2 . VAL A 1 11 ? 6.189  0.172   -6.553  1.00 5.58  ? 11  VAL A CG2 1 
ATOM   84  N N   . GLU A 1 12 ? 1.366  -0.325  -6.060  1.00 5.69  ? 12  GLU A N   1 
ATOM   85  C CA  . GLU A 1 12 ? 0.146  -0.938  -5.556  1.00 6.19  ? 12  GLU A CA  1 
ATOM   86  C C   . GLU A 1 12 ? 0.095  -2.444  -5.837  1.00 6.00  ? 12  GLU A C   1 
ATOM   87  O O   . GLU A 1 12 ? -0.492 -3.172  -5.037  1.00 6.27  ? 12  GLU A O   1 
ATOM   88  C CB  . GLU A 1 12 ? -1.103 -0.206  -6.095  1.00 7.00  ? 12  GLU A CB  1 
ATOM   89  C CG  . GLU A 1 12 ? -2.415 -0.729  -5.484  1.00 7.55  ? 12  GLU A CG  1 
ATOM   90  C CD  . GLU A 1 12 ? -3.638 0.008   -5.947  1.00 7.32  ? 12  GLU A CD  1 
ATOM   91  O OE1 . GLU A 1 12 ? -3.674 1.104   -6.471  1.00 8.87  ? 12  GLU A OE1 1 
ATOM   92  O OE2 . GLU A 1 12 ? -4.733 -0.683  -5.781  1.00 7.50  ? 12  GLU A OE2 1 
ATOM   93  N N   . SER A 1 13 ? 0.690  -2.935  -6.930  1.00 6.66  ? 13  SER A N   1 
ATOM   94  C CA  . SER A 1 13 ? 0.686  -4.396  -7.154  1.00 7.50  ? 13  SER A CA  1 
ATOM   95  C C   . SER A 1 13 ? 1.256  -5.181  -6.002  1.00 7.14  ? 13  SER A C   1 
ATOM   96  O O   . SER A 1 13 ? 0.874  -6.323  -5.734  1.00 9.61  ? 13  SER A O   1 
ATOM   97  C CB  . SER A 1 13 ? 1.357  -4.732  -8.467  1.00 9.10  ? 13  SER A CB  1 
ATOM   98  O OG  . SER A 1 13 ? 2.722  -4.480  -8.388  1.00 9.94  ? 13  SER A OG  1 
ATOM   99  N N   . ALA A 1 14 ? 2.213  -4.565  -5.343  1.00 5.85  ? 14  ALA A N   1 
ATOM   100 C CA  . ALA A 1 14 ? 2.861  -5.254  -4.245  1.00 6.74  ? 14  ALA A CA  1 
ATOM   101 C C   . ALA A 1 14 ? 2.033  -5.246  -2.969  1.00 6.76  ? 14  ALA A C   1 
ATOM   102 O O   . ALA A 1 14 ? 2.397  -5.996  -2.028  1.00 7.92  ? 14  ALA A O   1 
ATOM   103 C CB  . ALA A 1 14 ? 4.264  -4.648  -4.052  1.00 7.20  ? 14  ALA A CB  1 
ATOM   104 N N   A CYS A 1 15 ? 0.951  -4.433  -2.907  0.84 5.85  ? 15  CYS A N   1 
ATOM   105 N N   B CYS A 1 15 ? 0.930  -4.640  -2.933  0.16 6.76  ? 15  CYS A N   1 
ATOM   106 C CA  A CYS A 1 15 ? 0.095  -4.544  -1.696  0.84 5.83  ? 15  CYS A CA  1 
ATOM   107 C CA  B CYS A 1 15 ? 0.427  -4.702  -1.689  0.16 6.04  ? 15  CYS A CA  1 
ATOM   108 C C   A CYS A 1 15 ? -0.437 -5.991  -1.579  0.84 6.56  ? 15  CYS A C   1 
ATOM   109 C C   B CYS A 1 15 ? -0.558 -5.890  -1.592  0.16 6.28  ? 15  CYS A C   1 
ATOM   110 O O   A CYS A 1 15 ? -0.426 -6.560  -0.531  0.84 6.92  ? 15  CYS A O   1 
ATOM   111 O O   B CYS A 1 15 ? -0.904 -6.255  -0.513  0.16 5.72  ? 15  CYS A O   1 
ATOM   112 C CB  A CYS A 1 15 ? -1.034 -3.565  -1.772  0.84 5.52  ? 15  CYS A CB  1 
ATOM   113 C CB  B CYS A 1 15 ? -0.063 -3.337  -1.470  0.16 5.69  ? 15  CYS A CB  1 
ATOM   114 S SG  A CYS A 1 15 ? -0.635 -1.814  -1.736  0.84 5.69  ? 15  CYS A SG  1 
ATOM   115 S SG  B CYS A 1 15 ? 1.233  -2.174  -0.831  0.16 5.45  ? 15  CYS A SG  1 
ATOM   116 N N   . GLU A 1 16 ? -0.881 -6.584  -2.696  1.00 7.20  ? 16  GLU A N   1 
ATOM   117 C CA  . GLU A 1 16 ? -1.479 -7.873  -2.599  1.00 8.13  ? 16  GLU A CA  1 
ATOM   118 C C   . GLU A 1 16 ? -0.475 -8.933  -2.205  1.00 8.68  ? 16  GLU A C   1 
ATOM   119 O O   . GLU A 1 16 ? -0.829 -9.831  -1.450  1.00 12.92 ? 16  GLU A O   1 
ATOM   120 C CB  . GLU A 1 16 ? -2.129 -8.249  -3.928  1.00 11.08 ? 16  GLU A CB  1 
ATOM   121 C CG  . GLU A 1 16 ? -2.785 -9.607  -3.929  1.00 15.84 ? 16  GLU A CG  1 
ATOM   122 C CD  . GLU A 1 16 ? -3.519 -9.964  -5.224  1.00 21.74 ? 16  GLU A CD  1 
ATOM   123 O OE1 . GLU A 1 16 ? -3.453 -9.234  -6.287  1.00 27.80 ? 16  GLU A OE1 1 
ATOM   124 O OE2 . GLU A 1 16 ? -4.189 -11.039 -5.140  1.00 33.31 ? 16  GLU A OE2 1 
ATOM   125 N N   . SER A 1 17 ? 0.715  -8.864  -2.771  1.00 7.42  ? 17  SER A N   1 
ATOM   126 C CA  . SER A 1 17 ? 1.634  -9.947  -2.527  1.00 8.28  ? 17  SER A CA  1 
ATOM   127 C C   . SER A 1 17 ? 2.390  -9.808  -1.229  1.00 8.89  ? 17  SER A C   1 
ATOM   128 O O   . SER A 1 17 ? 2.855  -10.815 -0.707  1.00 15.76 ? 17  SER A O   1 
ATOM   129 C CB  . SER A 1 17 ? 2.623  -10.056 -3.699  1.00 8.24  ? 17  SER A CB  1 
ATOM   130 O OG  . SER A 1 17 ? 3.337  -8.866  -3.768  1.00 9.17  ? 17  SER A OG  1 
ATOM   131 N N   . LEU A 1 18 ? 2.573  -8.603  -0.697  1.00 6.16  ? 18  LEU A N   1 
ATOM   132 C CA  . LEU A 1 18 ? 3.376  -8.446  0.474   1.00 7.06  ? 18  LEU A CA  1 
ATOM   133 C C   . LEU A 1 18 ? 2.586  -8.145  1.734   1.00 7.88  ? 18  LEU A C   1 
ATOM   134 O O   . LEU A 1 18 ? 3.137  -8.229  2.841   1.00 14.93 ? 18  LEU A O   1 
ATOM   135 C CB  . LEU A 1 18 ? 4.376  -7.349  0.283   1.00 6.80  ? 18  LEU A CB  1 
ATOM   136 C CG  . LEU A 1 18 ? 5.403  -7.632  -0.829  1.00 6.64  ? 18  LEU A CG  1 
ATOM   137 C CD1 . LEU A 1 18 ? 6.240  -6.417  -1.029  1.00 8.64  ? 18  LEU A CD1 1 
ATOM   138 C CD2 . LEU A 1 18 ? 6.300  -8.788  -0.470  1.00 6.78  ? 18  LEU A CD2 1 
ATOM   139 N N   . CYS A 1 19 ? 1.328  -7.804  1.632   1.00 5.18  ? 19  CYS A N   1 
ATOM   140 C CA  . CYS A 1 19 ? 0.504  -7.460  2.791   1.00 5.05  ? 19  CYS A CA  1 
ATOM   141 C C   . CYS A 1 19 ? -0.494 -8.597  3.076   1.00 6.08  ? 19  CYS A C   1 
ATOM   142 O O   . CYS A 1 19 ? -1.019 -9.204  2.164   1.00 7.05  ? 19  CYS A O   1 
ATOM   143 C CB  . CYS A 1 19 ? -0.303 -6.214  2.512   1.00 5.12  ? 19  CYS A CB  1 
ATOM   144 S SG  . CYS A 1 19 ? 0.660  -4.791  1.951   1.00 5.91  ? 19  CYS A SG  1 
ATOM   145 N N   . THR A 1 20 ? -0.801 -8.772  4.365   1.00 7.58  ? 20  THR A N   1 
ATOM   146 C CA  . THR A 1 20 ? -1.810 -9.701  4.788   1.00 9.38  ? 20  THR A CA  1 
ATOM   147 C C   . THR A 1 20 ? -3.171 -9.204  4.384   1.00 8.06  ? 20  THR A C   1 
ATOM   148 O O   . THR A 1 20 ? -3.462 -7.994  4.359   1.00 7.95  ? 20  THR A O   1 
ATOM   149 C CB  . THR A 1 20 ? -1.789 -9.886  6.364   1.00 12.68 ? 20  THR A CB  1 
ATOM   150 O OG1 . THR A 1 20 ? -1.800 -8.658  7.042   1.00 15.10 ? 20  THR A OG1 1 
ATOM   151 C CG2 . THR A 1 20 ? -0.564 -10.561 6.792   1.00 15.47 ? 20  THR A CG2 1 
ATOM   152 N N   A GLU A 1 21 ? -4.046 -10.138 4.008   0.56 8.18  ? 21  GLU A N   1 
ATOM   153 N N   B GLU A 1 21 ? -4.073 -10.170 4.292   0.44 7.04  ? 21  GLU A N   1 
ATOM   154 C CA  A GLU A 1 21 ? -5.417 -9.850  3.701   0.56 8.66  ? 21  GLU A CA  1 
ATOM   155 C CA  B GLU A 1 21 ? -5.440 -9.815  4.042   0.44 6.92  ? 21  GLU A CA  1 
ATOM   156 C C   A GLU A 1 21 ? -6.078 -9.078  4.896   0.56 7.47  ? 21  GLU A C   1 
ATOM   157 C C   B GLU A 1 21 ? -5.989 -8.936  5.112   0.44 6.93  ? 21  GLU A C   1 
ATOM   158 O O   A GLU A 1 21 ? -5.775 -9.336  6.006   0.56 7.11  ? 21  GLU A O   1 
ATOM   159 O O   B GLU A 1 21 ? -5.616 -9.008  6.341   0.44 6.16  ? 21  GLU A O   1 
ATOM   160 C CB  A GLU A 1 21 ? -6.003 -11.233 3.625   0.56 9.46  ? 21  GLU A CB  1 
ATOM   161 C CB  B GLU A 1 21 ? -6.332 -11.071 3.919   0.44 6.80  ? 21  GLU A CB  1 
ATOM   162 C CG  A GLU A 1 21 ? -7.433 -11.207 3.353   0.56 9.64  ? 21  GLU A CG  1 
ATOM   163 C CG  B GLU A 1 21 ? -6.037 -11.886 2.688   0.44 7.47  ? 21  GLU A CG  1 
ATOM   164 C CD  A GLU A 1 21 ? -7.958 -12.598 3.087   0.56 9.66  ? 21  GLU A CD  1 
ATOM   165 C CD  B GLU A 1 21 ? -6.903 -13.079 2.545   0.44 8.36  ? 21  GLU A CD  1 
ATOM   166 O OE1 A GLU A 1 21 ? -9.038 -12.842 3.541   0.56 11.35 ? 21  GLU A OE1 1 
ATOM   167 O OE1 B GLU A 1 21 ? -7.957 -13.189 3.207   0.44 9.60  ? 21  GLU A OE1 1 
ATOM   168 O OE2 A GLU A 1 21 ? -7.312 -13.443 2.403   0.56 11.17 ? 21  GLU A OE2 1 
ATOM   169 O OE2 B GLU A 1 21 ? -6.561 -13.922 1.700   0.44 9.56  ? 21  GLU A OE2 1 
ATOM   170 N N   . GLY A 1 22 ? -7.013 -8.198  4.615   1.00 7.93  ? 22  GLY A N   1 
ATOM   171 C CA  . GLY A 1 22 ? -7.763 -7.403  5.558   1.00 7.67  ? 22  GLY A CA  1 
ATOM   172 C C   . GLY A 1 22 ? -7.120 -6.037  5.696   1.00 6.58  ? 22  GLY A C   1 
ATOM   173 O O   . GLY A 1 22 ? -6.797 -5.406  4.716   1.00 6.43  ? 22  GLY A O   1 
ATOM   174 N N   . GLU A 1 23 ? -6.967 -5.609  6.948   1.00 6.71  ? 23  GLU A N   1 
ATOM   175 C CA  . GLU A 1 23 ? -6.597 -4.237  7.158   1.00 6.84  ? 23  GLU A CA  1 
ATOM   176 C C   . GLU A 1 23 ? -5.229 -3.912  6.556   1.00 5.90  ? 23  GLU A C   1 
ATOM   177 O O   . GLU A 1 23 ? -5.070 -2.767  6.113   1.00 6.04  ? 23  GLU A O   1 
ATOM   178 C CB  . GLU A 1 23 ? -6.625 -3.926  8.629   1.00 10.08 ? 23  GLU A CB  1 
ATOM   179 C CG  . GLU A 1 23 ? -6.161 -2.543  8.974   1.00 12.36 ? 23  GLU A CG  1 
ATOM   180 C CD  . GLU A 1 23 ? -6.950 -1.461  8.269   1.00 18.22 ? 23  GLU A CD  1 
ATOM   181 O OE1 . GLU A 1 23 ? -8.169 -1.694  8.207   1.00 24.45 ? 23  GLU A OE1 1 
ATOM   182 O OE2 . GLU A 1 23 ? -6.356 -0.421  7.825   1.00 25.58 ? 23  GLU A OE2 1 
ATOM   183 N N   . ASP A 1 24 ? -4.273 -4.829  6.528   1.00 5.85  ? 24  ASP A N   1 
ATOM   184 C CA  A ASP A 1 24 ? -2.936 -4.625  5.998   0.47 4.94  ? 24  ASP A CA  1 
ATOM   185 C CA  B ASP A 1 24 ? -2.972 -4.324  6.039   0.53 6.28  ? 24  ASP A CA  1 
ATOM   186 C C   . ASP A 1 24 ? -3.026 -4.072  4.541   1.00 5.38  ? 24  ASP A C   1 
ATOM   187 O O   . ASP A 1 24 ? -2.387 -3.091  4.111   1.00 5.27  ? 24  ASP A O   1 
ATOM   188 C CB  A ASP A 1 24 ? -2.108 -5.901  6.171   0.47 4.54  ? 24  ASP A CB  1 
ATOM   189 C CB  B ASP A 1 24 ? -1.803 -5.266  6.279   0.53 8.03  ? 24  ASP A CB  1 
ATOM   190 C CG  A ASP A 1 24 ? -0.611 -5.696  6.164   0.47 4.82  ? 24  ASP A CG  1 
ATOM   191 C CG  B ASP A 1 24 ? -1.366 -5.361  7.685   0.53 10.54 ? 24  ASP A CG  1 
ATOM   192 O OD1 A ASP A 1 24 ? -0.174 -4.554  6.549   0.47 5.75  ? 24  ASP A OD1 1 
ATOM   193 O OD1 B ASP A 1 24 ? -2.199 -5.081  8.591   0.53 13.72 ? 24  ASP A OD1 1 
ATOM   194 O OD2 A ASP A 1 24 ? 0.137  -6.645  5.816   0.47 4.98  ? 24  ASP A OD2 1 
ATOM   195 O OD2 B ASP A 1 24 ? -0.188 -5.755  7.887   0.53 12.03 ? 24  ASP A OD2 1 
ATOM   196 N N   . ARG A 1 25 ? -3.797 -4.805  3.749   1.00 5.34  ? 25  ARG A N   1 
ATOM   197 C CA  . ARG A 1 25 ? -3.980 -4.436  2.333   1.00 5.23  ? 25  ARG A CA  1 
ATOM   198 C C   . ARG A 1 25 ? -4.753 -3.150  2.177   1.00 5.14  ? 25  ARG A C   1 
ATOM   199 O O   . ARG A 1 25 ? -4.449 -2.361  1.293   1.00 5.97  ? 25  ARG A O   1 
ATOM   200 C CB  . ARG A 1 25 ? -4.683 -5.587  1.533   1.00 4.88  ? 25  ARG A CB  1 
ATOM   201 C CG  . ARG A 1 25 ? -3.713 -6.720  1.265   1.00 5.62  ? 25  ARG A CG  1 
ATOM   202 C CD  . ARG A 1 25 ? -4.334 -7.835  0.476   1.00 6.59  ? 25  ARG A CD  1 
ATOM   203 N NE  . ARG A 1 25 ? -3.424 -8.946  0.608   1.00 7.28  ? 25  ARG A NE  1 
ATOM   204 C CZ  . ARG A 1 25 ? -3.720 -10.185 0.270   1.00 6.73  ? 25  ARG A CZ  1 
ATOM   205 N NH1 . ARG A 1 25 ? -4.851 -10.476 -0.339  1.00 7.71  ? 25  ARG A NH1 1 
ATOM   206 N NH2 . ARG A 1 25 ? -2.886 -11.159 0.615   1.00 8.98  ? 25  ARG A NH2 1 
ATOM   207 N N   . THR A 1 26 ? -5.766 -2.939  3.002   1.00 5.02  ? 26  THR A N   1 
ATOM   208 C CA  . THR A 1 26 ? -6.482 -1.681  2.944   1.00 4.83  ? 26  THR A CA  1 
ATOM   209 C C   . THR A 1 26 ? -5.539 -0.544  3.248   1.00 4.72  ? 26  THR A C   1 
ATOM   210 O O   . THR A 1 26 ? -5.590 0.492   2.579   1.00 5.20  ? 26  THR A O   1 
ATOM   211 C CB  . THR A 1 26 ? -7.697 -1.663  3.900   1.00 5.29  ? 26  THR A CB  1 
ATOM   212 O OG1 . THR A 1 26 ? -8.494 -2.815  3.648   1.00 6.28  ? 26  THR A OG1 1 
ATOM   213 C CG2 . THR A 1 26 ? -8.495 -0.405  3.730   1.00 6.60  ? 26  THR A CG2 1 
ATOM   214 N N   . GLY A 1 27 ? -4.694 -0.714  4.272   1.00 4.35  ? 27  GLY A N   1 
ATOM   215 C CA  . GLY A 1 27 ? -3.829 0.373   4.667   1.00 4.41  ? 27  GLY A CA  1 
ATOM   216 C C   . GLY A 1 27 ? -2.789 0.702   3.611   1.00 4.31  ? 27  GLY A C   1 
ATOM   217 O O   . GLY A 1 27 ? -2.394 1.882   3.472   1.00 4.83  ? 27  GLY A O   1 
ATOM   218 N N   A CYS A 1 28 ? -2.324 -0.320  2.889   0.85 3.97  ? 28  CYS A N   1 
ATOM   219 N N   B CYS A 1 28 ? -2.351 -0.231  2.823   0.15 4.15  ? 28  CYS A N   1 
ATOM   220 C CA  A CYS A 1 28 ? -1.361 -0.132  1.790   0.85 4.19  ? 28  CYS A CA  1 
ATOM   221 C CA  B CYS A 1 28 ? -1.414 0.167   1.812   0.15 3.44  ? 28  CYS A CA  1 
ATOM   222 C C   A CYS A 1 28 ? -1.998 0.749   0.704   0.85 4.43  ? 28  CYS A C   1 
ATOM   223 C C   B CYS A 1 28 ? -2.067 0.822   0.635   0.15 4.19  ? 28  CYS A C   1 
ATOM   224 O O   A CYS A 1 28 ? -1.418 1.750   0.286   0.85 4.66  ? 28  CYS A O   1 
ATOM   225 O O   B CYS A 1 28 ? -1.500 1.618   -0.040  0.15 4.64  ? 28  CYS A O   1 
ATOM   226 C CB  A CYS A 1 28 ? -0.945 -1.533  1.306   0.85 4.66  ? 28  CYS A CB  1 
ATOM   227 C CB  B CYS A 1 28 ? -0.850 -1.059  1.222   0.15 3.36  ? 28  CYS A CB  1 
ATOM   228 S SG  A CYS A 1 28 ? 0.355  -1.570  0.030   0.85 5.40  ? 28  CYS A SG  1 
ATOM   229 S SG  B CYS A 1 28 ? -0.168 -0.679  -0.471  0.15 4.50  ? 28  CYS A SG  1 
ATOM   230 N N   . TYR A 1 29 ? -3.233 0.383   0.274   1.00 4.32  ? 29  TYR A N   1 
ATOM   231 C CA  . TYR A 1 29 ? -3.956 1.146   -0.720  1.00 4.39  ? 29  TYR A CA  1 
ATOM   232 C C   . TYR A 1 29 ? -4.242 2.538   -0.255  1.00 4.81  ? 29  TYR A C   1 
ATOM   233 O O   . TYR A 1 29 ? -4.061 3.505   -0.985  1.00 5.05  ? 29  TYR A O   1 
ATOM   234 C CB  . TYR A 1 29 ? -5.233 0.410   -1.106  1.00 4.75  ? 29  TYR A CB  1 
ATOM   235 C CG  . TYR A 1 29 ? -6.108 1.148   -2.062  1.00 4.83  ? 29  TYR A CG  1 
ATOM   236 C CD1 . TYR A 1 29 ? -5.622 1.517   -3.326  1.00 5.28  ? 29  TYR A CD1 1 
ATOM   237 C CD2 . TYR A 1 29 ? -7.426 1.488   -1.743  1.00 5.35  ? 29  TYR A CD2 1 
ATOM   238 C CE1 . TYR A 1 29 ? -6.397 2.164   -4.246  1.00 5.77  ? 29  TYR A CE1 1 
ATOM   239 C CE2 . TYR A 1 29 ? -8.255 2.110   -2.654  1.00 5.88  ? 29  TYR A CE2 1 
ATOM   240 C CZ  . TYR A 1 29 ? -7.749 2.449   -3.931  1.00 5.93  ? 29  TYR A CZ  1 
ATOM   241 O OH  . TYR A 1 29 ? -8.596 3.050   -4.837  1.00 7.39  ? 29  TYR A OH  1 
ATOM   242 N N   . MET A 1 30 ? -4.704 2.682   0.994   1.00 4.85  ? 30  MET A N   1 
ATOM   243 C CA  A MET A 1 30 ? -5.025 4.013   1.481   0.66 4.98  ? 30  MET A CA  1 
ATOM   244 C CA  B MET A 1 30 ? -4.993 3.973   1.606   0.34 5.18  ? 30  MET A CA  1 
ATOM   245 C C   . MET A 1 30 ? -3.781 4.899   1.569   1.00 4.74  ? 30  MET A C   1 
ATOM   246 O O   . MET A 1 30 ? -3.862 6.083   1.277   1.00 5.51  ? 30  MET A O   1 
ATOM   247 C CB  A MET A 1 30 ? -5.659 3.935   2.874   0.66 5.05  ? 30  MET A CB  1 
ATOM   248 C CB  B MET A 1 30 ? -5.509 3.661   3.050   0.34 6.07  ? 30  MET A CB  1 
ATOM   249 C CG  A MET A 1 30 ? -7.063 3.434   2.901   0.66 6.01  ? 30  MET A CG  1 
ATOM   250 C CG  B MET A 1 30 ? -6.214 4.732   3.875   0.34 8.12  ? 30  MET A CG  1 
ATOM   251 S SD  A MET A 1 30 ? -7.803 3.250   4.467   0.66 10.14 ? 30  MET A SD  1 
ATOM   252 S SD  B MET A 1 30 ? -7.525 3.994   5.034   0.34 12.48 ? 30  MET A SD  1 
ATOM   253 C CE  A MET A 1 30 ? -6.842 4.675   5.136   0.66 5.48  ? 30  MET A CE  1 
ATOM   254 C CE  B MET A 1 30 ? -8.762 4.596   3.911   0.34 11.77 ? 30  MET A CE  1 
ATOM   255 N N   . TYR A 1 31 ? -2.630 4.336   1.929   1.00 4.53  ? 31  TYR A N   1 
ATOM   256 C CA  . TYR A 1 31 ? -1.410 5.139   1.929   1.00 4.79  ? 31  TYR A CA  1 
ATOM   257 C C   . TYR A 1 31 ? -1.131 5.657   0.530   1.00 4.57  ? 31  TYR A C   1 
ATOM   258 O O   . TYR A 1 31 ? -0.822 6.846   0.339   1.00 4.95  ? 31  TYR A O   1 
ATOM   259 C CB  . TYR A 1 31 ? -0.202 4.358   2.449   1.00 4.96  ? 31  TYR A CB  1 
ATOM   260 C CG  . TYR A 1 31 ? 1.022  5.208   2.283   1.00 4.81  ? 31  TYR A CG  1 
ATOM   261 C CD1 . TYR A 1 31 ? 1.248  6.309   3.139   1.00 5.16  ? 31  TYR A CD1 1 
ATOM   262 C CD2 . TYR A 1 31 ? 1.835  5.133   1.139   1.00 4.65  ? 31  TYR A CD2 1 
ATOM   263 C CE1 . TYR A 1 31 ? 2.283  7.194   2.934   1.00 5.65  ? 31  TYR A CE1 1 
ATOM   264 C CE2 . TYR A 1 31 ? 2.868  6.011   0.908   1.00 4.96  ? 31  TYR A CE2 1 
ATOM   265 C CZ  . TYR A 1 31 ? 3.105  7.025   1.828   1.00 5.19  ? 31  TYR A CZ  1 
ATOM   266 O OH  . TYR A 1 31 ? 4.146  7.918   1.681   1.00 6.49  ? 31  TYR A OH  1 
ATOM   267 N N   . ILE A 1 32 ? -1.155 4.732   -0.448  1.00 4.55  ? 32  ILE A N   1 
ATOM   268 C CA  . ILE A 1 32 ? -0.880 5.114   -1.830  1.00 4.71  ? 32  ILE A CA  1 
ATOM   269 C C   . ILE A 1 32 ? -1.803 6.228   -2.259  1.00 4.95  ? 32  ILE A C   1 
ATOM   270 O O   . ILE A 1 32 ? -1.387 7.234   -2.830  1.00 5.37  ? 32  ILE A O   1 
ATOM   271 C CB  . ILE A 1 32 ? -0.876 3.857   -2.737  1.00 4.79  ? 32  ILE A CB  1 
ATOM   272 C CG1 . ILE A 1 32 ? 0.295  2.946   -2.350  1.00 4.74  ? 32  ILE A CG1 1 
ATOM   273 C CG2 . ILE A 1 32 ? -0.825 4.241   -4.178  1.00 6.25  ? 32  ILE A CG2 1 
ATOM   274 C CD1 . ILE A 1 32 ? 0.338  1.627   -3.111  1.00 5.53  ? 32  ILE A CD1 1 
ATOM   275 N N   . TYR A 1 33 ? -3.113 6.048   -1.989  1.00 5.36  ? 33  TYR A N   1 
ATOM   276 C CA  . TYR A 1 33 ? -4.083 7.060   -2.340  1.00 5.67  ? 33  TYR A CA  1 
ATOM   277 C C   . TYR A 1 33 ? -3.769 8.397   -1.572  1.00 5.96  ? 33  TYR A C   1 
ATOM   278 O O   . TYR A 1 33 ? -4.107 9.510   -2.136  1.00 7.67  ? 33  TYR A O   1 
ATOM   279 C CB  . TYR A 1 33 ? -5.525 6.526   -1.995  1.00 6.61  ? 33  TYR A CB  1 
ATOM   280 C CG  . TYR A 1 33 ? -6.557 7.058   -2.972  1.00 6.06  ? 33  TYR A CG  1 
ATOM   281 C CD1 . TYR A 1 33 ? -7.039 8.332   -2.924  1.00 6.69  ? 33  TYR A CD1 1 
ATOM   282 C CD2 . TYR A 1 33 ? -7.013 6.216   -3.965  1.00 7.78  ? 33  TYR A CD2 1 
ATOM   283 C CE1 . TYR A 1 33 ? -7.938 8.792   -3.914  1.00 8.55  ? 33  TYR A CE1 1 
ATOM   284 C CE2 . TYR A 1 33 ? -7.897 6.623   -4.916  1.00 8.67  ? 33  TYR A CE2 1 
ATOM   285 C CZ  . TYR A 1 33 ? -8.321 7.919   -4.924  1.00 8.08  ? 33  TYR A CZ  1 
ATOM   286 O OH  . TYR A 1 33 ? -9.195 8.293   -5.930  1.00 11.15 ? 33  TYR A OH  1 
ATOM   287 N N   . SER A 1 34 ? -3.225 8.361   -0.415  1.00 5.87  ? 34  SER A N   1 
ATOM   288 C CA  A SER A 1 34 ? -2.941 9.566   0.434   0.48 5.38  ? 34  SER A CA  1 
ATOM   289 C CA  B SER A 1 34 ? -3.047 9.533   0.265   0.52 6.98  ? 34  SER A CA  1 
ATOM   290 C C   . SER A 1 34 ? -1.814 10.341  -0.169  1.00 5.83  ? 34  SER A C   1 
ATOM   291 O O   . SER A 1 34 ? -1.768 11.536  0.086   1.00 7.43  ? 34  SER A O   1 
ATOM   292 C CB  A SER A 1 34 ? -2.681 9.262   1.920   0.48 4.99  ? 34  SER A CB  1 
ATOM   293 C CB  B SER A 1 34 ? -3.049 9.017   1.714   0.52 8.38  ? 34  SER A CB  1 
ATOM   294 O OG  A SER A 1 34 ? -1.416 8.814   2.204   0.48 4.74  ? 34  SER A OG  1 
ATOM   295 O OG  B SER A 1 34 ? -4.387 8.652   2.023   0.52 12.00 ? 34  SER A OG  1 
ATOM   296 N N   . ASN A 1 35 ? -0.820 9.660   -0.735  1.00 5.13  ? 35  ASN A N   1 
ATOM   297 C CA  . ASN A 1 35 ? 0.479  10.298  -0.722  1.00 5.46  ? 35  ASN A CA  1 
ATOM   298 C C   . ASN A 1 35 ? 1.381  9.951   -1.919  1.00 5.29  ? 35  ASN A C   1 
ATOM   299 O O   . ASN A 1 35 ? 2.537  10.349  -1.931  1.00 7.22  ? 35  ASN A O   1 
ATOM   300 C CB  . ASN A 1 35 ? 1.198  10.059  0.595   1.00 6.54  ? 35  ASN A CB  1 
ATOM   301 C CG  . ASN A 1 35 ? 2.174  11.175  0.984   1.00 6.13  ? 35  ASN A CG  1 
ATOM   302 O OD1 . ASN A 1 35 ? 1.856  12.383  0.834   1.00 7.03  ? 35  ASN A OD1 1 
ATOM   303 N ND2 . ASN A 1 35 ? 3.271  10.805  1.642   1.00 6.76  ? 35  ASN A ND2 1 
ATOM   304 N N   . CYS A 1 36 ? 0.815  9.231   -2.912  1.00 4.88  ? 36  CYS A N   1 
ATOM   305 C CA  . CYS A 1 36 ? 1.570  8.872   -4.088  1.00 5.03  ? 36  CYS A CA  1 
ATOM   306 C C   . CYS A 1 36 ? 1.044  9.600   -5.284  1.00 6.27  ? 36  CYS A C   1 
ATOM   307 O O   . CYS A 1 36 ? -0.100 9.725   -5.434  1.00 8.54  ? 36  CYS A O   1 
ATOM   308 C CB  . CYS A 1 36 ? 1.444  7.384   -4.351  1.00 5.35  ? 36  CYS A CB  1 
ATOM   309 S SG  . CYS A 1 36 ? 2.347  6.397   -3.104  1.00 6.15  ? 36  CYS A SG  1 
ATOM   310 N N   . PRO A 1 37 ? 1.953  9.907   -6.252  1.00 10.73 ? 37  PRO A N   1 
ATOM   311 C CA  . PRO A 1 37 ? 1.462  10.382  -7.542  1.00 14.67 ? 37  PRO A CA  1 
ATOM   312 C C   . PRO A 1 37 ? 0.583  9.292   -8.183  1.00 16.58 ? 37  PRO A C   1 
ATOM   313 O O   . PRO A 1 37 ? 0.950  8.137   -8.006  1.00 24.85 ? 37  PRO A O   1 
ATOM   314 C CB  . PRO A 1 37 ? 2.730  10.569  -8.372  1.00 17.84 ? 37  PRO A CB  1 
ATOM   315 C CG  . PRO A 1 37 ? 3.890  9.992   -7.574  1.00 16.35 ? 37  PRO A CG  1 
ATOM   316 C CD  . PRO A 1 37 ? 3.298  9.296   -6.378  1.00 12.68 ? 37  PRO A CD  1 
ATOM   317 N N   . PRO A 1 38 ? -0.518 9.582   -8.914  1.00 14.66 ? 38  PRO A N   1 
ATOM   318 C CA  . PRO A 1 38 ? -1.088 10.861  -9.259  1.00 13.03 ? 38  PRO A CA  1 
ATOM   319 C C   . PRO A 1 38 ? -2.104 11.267  -8.294  1.00 13.10 ? 38  PRO A C   1 
ATOM   320 O O   . PRO A 1 38 ? -2.771 12.271  -8.587  1.00 19.54 ? 38  PRO A O   1 
ATOM   321 C CB  . PRO A 1 38 ? -1.794 10.605  -10.606 1.00 11.89 ? 38  PRO A CB  1 
ATOM   322 C CG  . PRO A 1 38 ? -2.248 9.214   -10.440 1.00 14.82 ? 38  PRO A CG  1 
ATOM   323 C CD  . PRO A 1 38 ? -1.216 8.484   -9.605  1.00 16.89 ? 38  PRO A CD  1 
ATOM   324 N N   . TYR A 1 39 ? -2.178 10.652  -7.137  1.00 10.97 ? 39  TYR A N   1 
ATOM   325 C CA  . TYR A 1 39 ? -3.186 11.096  -6.181  1.00 10.66 ? 39  TYR A CA  1 
ATOM   326 C C   . TYR A 1 39 ? -2.828 12.422  -5.516  1.00 13.07 ? 39  TYR A C   1 
ATOM   327 O O   . TYR A 1 39 ? -3.690 13.135  -4.989  1.00 19.58 ? 39  TYR A O   1 
ATOM   328 C CB  . TYR A 1 39 ? -3.395 10.010  -5.143  1.00 9.99  ? 39  TYR A CB  1 
ATOM   329 C CG  . TYR A 1 39 ? -3.765 8.698   -5.759  1.00 10.20 ? 39  TYR A CG  1 
ATOM   330 C CD1 . TYR A 1 39 ? -4.996 8.460   -6.287  1.00 11.39 ? 39  TYR A CD1 1 
ATOM   331 C CD2 . TYR A 1 39 ? -2.791 7.687   -5.877  1.00 10.27 ? 39  TYR A CD2 1 
ATOM   332 C CE1 . TYR A 1 39 ? -5.322 7.255   -6.877  1.00 12.62 ? 39  TYR A CE1 1 
ATOM   333 C CE2 . TYR A 1 39 ? -3.098 6.480   -6.470  1.00 11.65 ? 39  TYR A CE2 1 
ATOM   334 C CZ  . TYR A 1 39 ? -4.378 6.263   -6.956  1.00 11.53 ? 39  TYR A CZ  1 
ATOM   335 O OH  . TYR A 1 39 ? -4.724 5.049   -7.561  1.00 14.12 ? 39  TYR A OH  1 
ATOM   336 N N   . VAL A 1 40 ? -1.536 12.691  -5.464  0.75 11.37 ? 40  VAL A N   1 
ATOM   337 C CA  . VAL A 1 40 ? -1.005 13.939  -5.064  0.79 12.45 ? 40  VAL A CA  1 
ATOM   338 C C   . VAL A 1 40 ? -0.135 14.365  -6.156  0.67 15.02 ? 40  VAL A C   1 
ATOM   339 O O   . VAL A 1 40 ? 0.412  13.577  -6.946  0.78 17.32 ? 40  VAL A O   1 
ATOM   340 C CB  . VAL A 1 40 ? -0.205 13.932  -3.794  1.00 12.47 ? 40  VAL A CB  1 
ATOM   341 C CG1 . VAL A 1 40 ? -1.123 13.504  -2.684  1.00 13.22 ? 40  VAL A CG1 1 
ATOM   342 C CG2 . VAL A 1 40 ? 0.991  12.978  -3.780  1.00 14.67 ? 40  VAL A CG2 1 
ATOM   343 O OXT . VAL A 1 40 ? 0.047  15.545  -6.273  1.00 22.48 ? 40  VAL A OXT 1 
HETATM 344 O O   . HOH B 2 .  ? -6.050 7.616   2.119   1.00 15.74 ? 101 HOH A O   1 
HETATM 345 O O   . HOH B 2 .  ? -4.352 -7.401  7.673   1.00 10.88 ? 102 HOH A O   1 
HETATM 346 O O   . HOH B 2 .  ? 9.811  2.356   0.761   1.00 13.49 ? 103 HOH A O   1 
HETATM 347 O O   . HOH B 2 .  ? 3.737  -3.588  -10.595 1.00 21.81 ? 104 HOH A O   1 
HETATM 348 O O   . HOH B 2 .  ? 5.752  7.552   -0.336  1.00 8.27  ? 105 HOH A O   1 
HETATM 349 O O   . HOH B 2 .  ? -2.754 3.286   -7.838  1.00 19.40 ? 106 HOH A O   1 
HETATM 350 O O   . HOH B 2 .  ? 9.761  -1.824  7.093   1.00 22.56 ? 107 HOH A O   1 
HETATM 351 O O   . HOH B 2 .  ? -7.326 3.971   -7.074  1.00 7.34  ? 108 HOH A O   1 
HETATM 352 O O   . HOH B 2 .  ? -2.563 -4.965  -5.087  1.00 15.78 ? 109 HOH A O   1 
HETATM 353 O O   . HOH B 2 .  ? 4.353  -9.105  -6.314  1.00 18.12 ? 110 HOH A O   1 
HETATM 354 O O   . HOH B 2 .  ? 1.217  5.395   -7.579  1.00 27.74 ? 111 HOH A O   1 
HETATM 355 O O   . HOH B 2 .  ? 4.063  12.626  -1.411  1.00 26.87 ? 112 HOH A O   1 
HETATM 356 O O   . HOH B 2 .  ? -9.765 -4.128  5.761   1.00 18.29 ? 113 HOH A O   1 
HETATM 357 O O   . HOH B 2 .  ? 5.154  -7.493  4.655   1.00 9.92  ? 114 HOH A O   1 
HETATM 358 O O   . HOH B 2 .  ? -4.206 -2.878  -4.086  1.00 11.73 ? 115 HOH A O   1 
HETATM 359 O O   . HOH B 2 .  ? 5.185  9.390   -2.220  1.00 19.61 ? 116 HOH A O   1 
HETATM 360 O O   . HOH B 2 .  ? 1.525  -1.439  -9.205  1.00 13.72 ? 117 HOH A O   1 
HETATM 361 O O   . HOH B 2 .  ? 1.015  2.030   -7.796  1.00 21.47 ? 118 HOH A O   1 
HETATM 362 O O   . HOH B 2 .  ? 8.424  -8.203  5.290   0.57 7.07  ? 119 HOH A O   1 
HETATM 363 O O   . HOH B 2 .  ? 0.348  -11.575 1.123   1.00 10.12 ? 120 HOH A O   1 
HETATM 364 O O   . HOH B 2 .  ? -4.422 -3.485  -1.456  1.00 8.70  ? 121 HOH A O   1 
HETATM 365 O O   . HOH B 2 .  ? -6.859 11.352  -7.025  1.00 42.53 ? 122 HOH A O   1 
# 
loop_
_atom_site_anisotrop.id 
_atom_site_anisotrop.type_symbol 
_atom_site_anisotrop.pdbx_label_atom_id 
_atom_site_anisotrop.pdbx_label_alt_id 
_atom_site_anisotrop.pdbx_label_comp_id 
_atom_site_anisotrop.pdbx_label_asym_id 
_atom_site_anisotrop.pdbx_label_seq_id 
_atom_site_anisotrop.pdbx_PDB_ins_code 
_atom_site_anisotrop.U[1][1] 
_atom_site_anisotrop.U[2][2] 
_atom_site_anisotrop.U[3][3] 
_atom_site_anisotrop.U[1][2] 
_atom_site_anisotrop.U[1][3] 
_atom_site_anisotrop.U[2][3] 
_atom_site_anisotrop.pdbx_auth_seq_id 
_atom_site_anisotrop.pdbx_auth_comp_id 
_atom_site_anisotrop.pdbx_auth_asym_id 
_atom_site_anisotrop.pdbx_auth_atom_id 
1   N N   . ASP A 1  ? 0.1845 0.1820 0.1408 0.0091  -0.0229 -0.0342 1   ASP A N   
2   C CA  . ASP A 1  ? 0.1260 0.1693 0.1079 -0.0064 0.0039  -0.0134 1   ASP A CA  
3   C C   . ASP A 1  ? 0.0963 0.1354 0.1042 0.0021  -0.0065 -0.0118 1   ASP A C   
4   O O   . ASP A 1  ? 0.1381 0.1295 0.1425 -0.0102 -0.0294 -0.0293 1   ASP A O   
5   C CB  . ASP A 1  ? 0.1434 0.1551 0.1086 -0.0057 0.0157  -0.0172 1   ASP A CB  
6   C CG  . ASP A 1  ? 0.1510 0.1291 0.1058 0.0041  0.0309  -0.0199 1   ASP A CG  
7   O OD1 . ASP A 1  ? 0.1710 0.1459 0.0971 0.0294  0.0294  -0.0017 1   ASP A OD1 
8   O OD2 . ASP A 1  ? 0.1755 0.1583 0.1579 -0.0123 0.0486  -0.0105 1   ASP A OD2 
9   N N   . ALA A 2  ? 0.1018 0.1255 0.0945 0.0043  0.0105  -0.0065 2   ALA A N   
10  C CA  . ALA A 2  ? 0.0629 0.1126 0.0960 -0.0002 0.0217  -0.0064 2   ALA A CA  
11  C C   . ALA A 2  ? 0.0617 0.1115 0.0780 -0.0160 0.0195  -0.0117 2   ALA A C   
12  O O   . ALA A 2  ? 0.0769 0.1101 0.0943 0.0128  0.0334  -0.0032 2   ALA A O   
13  C CB  . ALA A 2  ? 0.0651 0.1095 0.0969 0.0032  0.0252  -0.0040 2   ALA A CB  
14  N N   . CYS A 3  ? 0.0717 0.0927 0.0949 -0.0015 0.0220  -0.0030 3   CYS A N   
15  C CA  . CYS A 3  ? 0.0570 0.0899 0.0916 -0.0131 0.0182  -0.0039 3   CYS A CA  
16  C C   . CYS A 3  ? 0.0558 0.0856 0.0696 -0.0129 0.0216  0.0030  3   CYS A C   
17  O O   . CYS A 3  ? 0.0554 0.0855 0.0718 -0.0077 0.0177  -0.0005 3   CYS A O   
18  C CB  . CYS A 3  ? 0.0773 0.0969 0.1169 -0.0222 0.0246  0.0187  3   CYS A CB  
19  S SG  . CYS A 3  ? 0.0722 0.0986 0.1041 -0.0240 0.0221  0.0145  3   CYS A SG  
20  N N   . GLU A 4  ? 0.0808 0.0910 0.0675 -0.0121 0.0231  0.0036  4   GLU A N   
21  C CA  . GLU A 4  ? 0.0704 0.0993 0.0789 -0.0157 0.0293  -0.0065 4   GLU A CA  
22  C C   . GLU A 4  ? 0.0578 0.0832 0.0714 -0.0135 0.0212  -0.0016 4   GLU A C   
23  O O   . GLU A 4  ? 0.0545 0.0844 0.0773 -0.0129 0.0214  -0.0007 4   GLU A O   
24  C CB  . GLU A 4  ? 0.0709 0.1114 0.0774 -0.0194 0.0246  -0.0019 4   GLU A CB  
25  C CG  . GLU A 4  ? 0.0810 0.1283 0.0737 -0.0102 0.0333  -0.0248 4   GLU A CG  
26  C CD  . GLU A 4  ? 0.1071 0.1366 0.0875 -0.0092 0.0205  -0.0301 4   GLU A CD  
27  O OE1 . GLU A 4  ? 0.1816 0.1541 0.1117 -0.0053 -0.0199 -0.0290 4   GLU A OE1 
28  O OE2 . GLU A 4  ? 0.1151 0.1488 0.1122 -0.0102 0.0160  -0.0490 4   GLU A OE2 
29  N N   . GLN A 5  ? 0.0520 0.1011 0.0981 -0.0070 0.0315  0.0066  5   GLN A N   
30  C CA  . GLN A 5  ? 0.0586 0.1219 0.0942 -0.0064 0.0402  0.0005  5   GLN A CA  
31  C C   . GLN A 5  ? 0.0582 0.1191 0.0854 -0.0065 0.0444  -0.0114 5   GLN A C   
32  O O   . GLN A 5  ? 0.0596 0.1409 0.0936 0.0008  0.0462  0.0179  5   GLN A O   
33  C CB  . GLN A 5  ? 0.0719 0.1617 0.1117 0.0021  0.0408  0.0131  5   GLN A CB  
34  C CG  . GLN A 5  ? 0.0718 0.2296 0.1437 -0.0070 0.0018  0.0163  5   GLN A CG  
35  C CD  . GLN A 5  ? 0.1913 0.2717 0.1888 -0.0015 -0.0046 0.0012  5   GLN A CD  
36  O OE1 . GLN A 5  ? 0.3488 0.3694 0.2918 -0.0622 -0.0026 0.0649  5   GLN A OE1 
37  N NE2 . GLN A 5  ? 0.3341 0.4073 0.2069 0.0412  0.0224  -0.0146 5   GLN A NE2 
38  N N   . ALA A 6  ? 0.0813 0.1171 0.0765 0.0181  0.0323  -0.0159 6   ALA A N   
39  C CA  . ALA A 6  ? 0.0883 0.1063 0.0774 0.0074  0.0290  -0.0138 6   ALA A CA  
40  C C   . ALA A 6  ? 0.0967 0.0883 0.0671 -0.0035 0.0451  -0.0096 6   ALA A C   
41  O O   . ALA A 6  ? 0.1003 0.0991 0.0602 -0.0036 0.0453  -0.0046 6   ALA A O   
42  C CB  . ALA A 6  ? 0.1288 0.1097 0.0810 0.0056  0.0231  -0.0146 6   ALA A CB  
43  N N   . ALA A 7  ? 0.0708 0.0748 0.0552 -0.0223 0.0349  -0.0062 7   ALA A N   
44  C CA  . ALA A 7  ? 0.0427 0.0865 0.0504 -0.0218 0.0182  -0.0085 7   ALA A CA  
45  C C   . ALA A 7  ? 0.0385 0.0821 0.0483 -0.0150 0.0170  -0.0135 7   ALA A C   
46  O O   . ALA A 7  ? 0.0405 0.0837 0.0533 -0.0119 0.0205  -0.0124 7   ALA A O   
47  C CB  . ALA A 7  ? 0.0411 0.0983 0.0613 -0.0154 0.0226  -0.0076 7   ALA A CB  
48  N N   . ILE A 8  ? 0.0383 0.0779 0.0562 -0.0177 0.0173  -0.0085 8   ILE A N   
49  C CA  . ILE A 8  ? 0.0392 0.0771 0.0740 -0.0232 0.0135  -0.0015 8   ILE A CA  
50  C C   . ILE A 8  ? 0.0399 0.0850 0.0827 -0.0208 0.0197  0.0017  8   ILE A C   
51  O O   . ILE A 8  ? 0.0487 0.0825 0.1031 -0.0254 0.0257  0.0104  8   ILE A O   
52  C CB  . ILE A 8  ? 0.0601 0.0925 0.0838 -0.0242 0.0021  -0.0047 8   ILE A CB  
53  C CG1 . ILE A 8  ? 0.0960 0.0938 0.0850 -0.0163 0.0075  -0.0116 8   ILE A CG1 
54  C CG2 . ILE A 8  ? 0.0884 0.1104 0.1095 -0.0448 -0.0002 -0.0006 8   ILE A CG2 
55  C CD1 . ILE A 8  ? 0.1130 0.1146 0.0882 -0.0165 0.0106  -0.0084 8   ILE A CD1 
56  N N   . GLN A 9  ? 0.0394 0.0858 0.0798 -0.0129 0.0239  0.0041  9   GLN A N   
57  C CA  A GLN A 9  ? 0.0441 0.0880 0.0800 -0.0134 0.0298  -0.0013 9   GLN A CA  
58  C CA  B GLN A 9  ? 0.0447 0.0894 0.0792 -0.0144 0.0303  -0.0037 9   GLN A CA  
59  C C   . GLN A 9  ? 0.0576 0.0745 0.0742 -0.0060 0.0381  0.0064  9   GLN A C   
60  O O   . GLN A 9  ? 0.0651 0.1038 0.0934 0.0034  0.0505  0.0221  9   GLN A O   
61  C CB  A GLN A 9  ? 0.0357 0.0851 0.0545 -0.0068 0.0170  -0.0026 9   GLN A CB  
62  C CB  B GLN A 9  ? 0.0325 0.0844 0.0643 -0.0117 0.0152  -0.0082 9   GLN A CB  
63  C CG  A GLN A 9  ? 0.0411 0.0877 0.0581 -0.0003 0.0228  -0.0036 9   GLN A CG  
64  C CG  B GLN A 9  ? 0.0338 0.0897 0.0688 -0.0042 0.0192  -0.0069 9   GLN A CG  
65  C CD  A GLN A 9  ? 0.0440 0.0892 0.0591 0.0001  0.0251  0.0031  9   GLN A CD  
66  C CD  B GLN A 9  ? 0.0447 0.1048 0.0807 -0.0206 0.0221  -0.0014 9   GLN A CD  
67  O OE1 A GLN A 9  ? 0.0589 0.1107 0.0731 0.0146  0.0247  0.0114  9   GLN A OE1 
68  O OE1 B GLN A 9  ? 0.0761 0.1249 0.0891 -0.0353 0.0280  0.0090  9   GLN A OE1 
69  N NE2 A GLN A 9  ? 0.0506 0.0844 0.0608 0.0015  0.0299  0.0036  9   GLN A NE2 
70  N NE2 B GLN A 9  ? 0.0715 0.1308 0.0877 -0.0230 0.0127  -0.0016 9   GLN A NE2 
71  N N   . CYS A 10 ? 0.0507 0.0741 0.0599 -0.0109 0.0279  0.0011  10  CYS A N   
72  C CA  . CYS A 10 ? 0.0511 0.0776 0.0635 -0.0057 0.0301  0.0054  10  CYS A CA  
73  C C   . CYS A 10 ? 0.0538 0.0869 0.0595 -0.0052 0.0300  0.0066  10  CYS A C   
74  O O   . CYS A 10 ? 0.1205 0.1010 0.0698 0.0044  0.0268  0.0127  10  CYS A O   
75  C CB  . CYS A 10 ? 0.0554 0.0754 0.0740 0.0006  0.0372  0.0125  10  CYS A CB  
76  S SG  . CYS A 10 ? 0.0529 0.0852 0.1030 -0.0122 0.0408  0.0127  10  CYS A SG  
77  N N   . VAL A 11 ? 0.0473 0.0824 0.0554 -0.0114 0.0244  -0.0001 11  VAL A N   
78  C CA  . VAL A 11 ? 0.0494 0.0827 0.0564 -0.0108 0.0258  0.0016  11  VAL A CA  
79  C C   . VAL A 11 ? 0.0439 0.0902 0.0551 -0.0132 0.0219  -0.0013 11  VAL A C   
80  O O   . VAL A 11 ? 0.0493 0.0879 0.0584 -0.0102 0.0230  -0.0009 11  VAL A O   
81  C CB  . VAL A 11 ? 0.0501 0.0907 0.0568 -0.0104 0.0274  -0.0042 11  VAL A CB  
82  C CG1 . VAL A 11 ? 0.0643 0.0955 0.0706 -0.0103 0.0301  -0.0150 11  VAL A CG1 
83  C CG2 . VAL A 11 ? 0.0487 0.0928 0.0706 -0.0087 0.0310  0.0038  11  VAL A CG2 
84  N N   . GLU A 12 ? 0.0506 0.0997 0.0656 -0.0139 0.0169  0.0069  12  GLU A N   
85  C CA  . GLU A 12 ? 0.0491 0.1124 0.0734 -0.0174 0.0133  0.0041  12  GLU A CA  
86  C C   . GLU A 12 ? 0.0496 0.1116 0.0667 -0.0175 0.0183  -0.0012 12  GLU A C   
87  O O   . GLU A 12 ? 0.0471 0.1145 0.0767 -0.0237 0.0224  -0.0024 12  GLU A O   
88  C CB  . GLU A 12 ? 0.0550 0.1290 0.0819 -0.0230 0.0175  0.0119  12  GLU A CB  
89  C CG  . GLU A 12 ? 0.0619 0.1391 0.0856 -0.0251 0.0224  0.0125  12  GLU A CG  
90  C CD  . GLU A 12 ? 0.0670 0.1415 0.0695 -0.0155 0.0253  -0.0058 12  GLU A CD  
91  O OE1 . GLU A 12 ? 0.0799 0.1367 0.1201 -0.0152 0.0021  0.0103  12  GLU A OE1 
92  O OE2 . GLU A 12 ? 0.0585 0.1432 0.0831 -0.0091 0.0308  0.0027  12  GLU A OE2 
93  N N   . SER A 13 ? 0.0672 0.1251 0.0606 -0.0223 0.0096  -0.0078 13  SER A N   
94  C CA  . SER A 13 ? 0.0687 0.1354 0.0810 -0.0316 0.0089  -0.0242 13  SER A CA  
95  C C   . SER A 13 ? 0.0710 0.1095 0.0904 -0.0267 0.0116  -0.0213 13  SER A C   
96  O O   . SER A 13 ? 0.1119 0.1121 0.1410 -0.0481 0.0003  -0.0088 13  SER A O   
97  C CB  . SER A 13 ? 0.1004 0.1685 0.0765 -0.0145 0.0073  -0.0362 13  SER A CB  
98  O OG  . SER A 13 ? 0.0926 0.1935 0.0913 -0.0292 0.0347  -0.0401 13  SER A OG  
99  N N   . ALA A 14 ? 0.0596 0.0896 0.0728 -0.0211 0.0167  -0.0131 14  ALA A N   
100 C CA  . ALA A 14 ? 0.0746 0.0981 0.0833 -0.0056 0.0224  0.0059  14  ALA A CA  
101 C C   . ALA A 14 ? 0.0671 0.1105 0.0793 -0.0114 0.0260  0.0180  14  ALA A C   
102 O O   . ALA A 14 ? 0.0874 0.1125 0.1008 -0.0112 0.0208  0.0330  14  ALA A O   
103 C CB  . ALA A 14 ? 0.0697 0.1217 0.0820 -0.0059 0.0203  0.0074  14  ALA A CB  
104 N N   A CYS A 15 ? 0.0554 0.0950 0.0718 -0.0103 0.0291  0.0105  15  CYS A N   
105 N N   B CYS A 15 ? 0.0806 0.0933 0.0826 -0.0025 0.0179  0.0099  15  CYS A N   
106 C CA  A CYS A 15 ? 0.0593 0.0989 0.0633 -0.0089 0.0270  0.0094  15  CYS A CA  
107 C CA  B CYS A 15 ? 0.0701 0.0814 0.0777 -0.0008 0.0126  0.0019  15  CYS A CA  
108 C C   A CYS A 15 ? 0.0678 0.0959 0.0852 -0.0091 0.0289  0.0000  15  CYS A C   
109 C C   B CYS A 15 ? 0.0606 0.0957 0.0820 -0.0057 0.0292  0.0009  15  CYS A C   
110 O O   A CYS A 15 ? 0.0874 0.0917 0.0835 0.0014  0.0331  0.0045  15  CYS A O   
111 O O   B CYS A 15 ? 0.0428 0.0867 0.0877 0.0017  0.0330  0.0018  15  CYS A O   
112 C CB  A CYS A 15 ? 0.0603 0.0918 0.0575 -0.0052 0.0273  0.0012  15  CYS A CB  
113 C CB  B CYS A 15 ? 0.0723 0.0823 0.0614 -0.0007 0.0128  -0.0038 15  CYS A CB  
114 S SG  A CYS A 15 ? 0.0637 0.0915 0.0610 -0.0076 0.0322  0.0051  15  CYS A SG  
115 S SG  B CYS A 15 ? 0.0521 0.0887 0.0662 0.0011  0.0234  -0.0025 15  CYS A SG  
116 N N   . GLU A 16 ? 0.0739 0.1033 0.0960 -0.0046 0.0272  -0.0109 16  GLU A N   
117 C CA  . GLU A 16 ? 0.0780 0.1072 0.1238 -0.0079 0.0351  -0.0165 16  GLU A CA  
118 C C   . GLU A 16 ? 0.0781 0.1095 0.1421 -0.0013 0.0515  -0.0166 16  GLU A C   
119 O O   . GLU A 16 ? 0.1279 0.1341 0.2288 -0.0016 0.1098  0.0153  16  GLU A O   
120 C CB  . GLU A 16 ? 0.1006 0.1558 0.1646 0.0034  0.0067  -0.0541 16  GLU A CB  
121 C CG  . GLU A 16 ? 0.1589 0.1633 0.2797 -0.0154 0.0007  -0.0545 16  GLU A CG  
122 C CD  . GLU A 16 ? 0.2793 0.1970 0.3497 -0.0296 -0.0390 -0.1042 16  GLU A CD  
123 O OE1 . GLU A 16 ? 0.3630 0.2360 0.4570 0.0214  -0.1351 -0.0246 16  GLU A OE1 
124 O OE2 . GLU A 16 ? 0.4376 0.2239 0.6041 -0.0985 -0.0568 -0.1303 16  GLU A OE2 
125 N N   . SER A 17 ? 0.0637 0.1001 0.1182 0.0018  0.0307  -0.0062 17  SER A N   
126 C CA  . SER A 17 ? 0.0925 0.1016 0.1203 0.0067  0.0390  -0.0005 17  SER A CA  
127 C C   . SER A 17 ? 0.1266 0.0947 0.1162 0.0093  0.0352  0.0077  17  SER A C   
128 O O   . SER A 17 ? 0.3132 0.1099 0.1755 0.0558  -0.0045 0.0172  17  SER A O   
129 C CB  . SER A 17 ? 0.0639 0.1302 0.1192 0.0095  0.0266  -0.0197 17  SER A CB  
130 O OG  . SER A 17 ? 0.0915 0.1432 0.1136 -0.0094 0.0388  -0.0260 17  SER A OG  
131 N N   . LEU A 18 ? 0.0524 0.0953 0.0860 0.0070  0.0370  0.0146  18  LEU A N   
132 C CA  . LEU A 18 ? 0.0520 0.1260 0.0899 0.0228  0.0406  0.0202  18  LEU A CA  
133 C C   . LEU A 18 ? 0.0506 0.1681 0.0806 0.0266  0.0372  0.0311  18  LEU A C   
134 O O   . LEU A 18 ? 0.0675 0.4054 0.0942 0.0894  0.0270  0.0471  18  LEU A O   
135 C CB  . LEU A 18 ? 0.0571 0.1235 0.0777 0.0140  0.0270  0.0020  18  LEU A CB  
136 C CG  . LEU A 18 ? 0.0551 0.1144 0.0826 -0.0100 0.0335  0.0034  18  LEU A CG  
137 C CD1 . LEU A 18 ? 0.0874 0.1239 0.1166 -0.0221 0.0190  0.0136  18  LEU A CD1 
138 C CD2 . LEU A 18 ? 0.0564 0.1040 0.0972 -0.0072 0.0431  0.0033  18  LEU A CD2 
139 N N   . CYS A 19 ? 0.0384 0.0946 0.0637 -0.0009 0.0222  0.0035  19  CYS A N   
140 C CA  . CYS A 19 ? 0.0393 0.0901 0.0624 -0.0025 0.0224  0.0041  19  CYS A CA  
141 C C   . CYS A 19 ? 0.0430 0.0957 0.0922 0.0021  0.0337  0.0185  19  CYS A C   
142 O O   . CYS A 19 ? 0.0366 0.1127 0.1185 -0.0131 0.0166  0.0195  19  CYS A O   
143 C CB  . CYS A 19 ? 0.0407 0.0893 0.0643 -0.0041 0.0238  0.0044  19  CYS A CB  
144 S SG  . CYS A 19 ? 0.0502 0.0940 0.0801 -0.0028 0.0346  0.0176  19  CYS A SG  
145 N N   . THR A 20 ? 0.0774 0.1077 0.1028 -0.0080 0.0515  0.0269  20  THR A N   
146 C CA  . THR A 20 ? 0.1003 0.1151 0.1409 -0.0106 0.0583  0.0438  20  THR A CA  
147 C C   . THR A 20 ? 0.0870 0.1144 0.1046 -0.0005 0.0664  0.0257  20  THR A C   
148 O O   . THR A 20 ? 0.0894 0.1099 0.1027 -0.0084 0.0651  0.0221  20  THR A O   
149 C CB  . THR A 20 ? 0.1369 0.1709 0.1736 -0.0285 0.0554  0.0906  20  THR A CB  
150 O OG1 . THR A 20 ? 0.1875 0.2332 0.1530 0.0407  0.0957  0.0647  20  THR A OG1 
151 C CG2 . THR A 20 ? 0.1613 0.2122 0.2140 0.0066  0.0722  0.0690  20  THR A CG2 
152 N N   A GLU A 21 ? 0.0986 0.1002 0.1119 -0.0113 0.0744  0.0167  21  GLU A N   
153 N N   B GLU A 21 ? 0.0773 0.1171 0.0730 0.0093  0.0471  0.0295  21  GLU A N   
154 C CA  A GLU A 21 ? 0.0906 0.1259 0.1124 -0.0082 0.0710  0.0050  21  GLU A CA  
155 C CA  B GLU A 21 ? 0.0779 0.1199 0.0652 0.0128  0.0445  0.0242  21  GLU A CA  
156 C C   A GLU A 21 ? 0.0774 0.0967 0.1099 -0.0207 0.0614  0.0030  21  GLU A C   
157 C C   B GLU A 21 ? 0.0769 0.0967 0.0895 -0.0027 0.0552  0.0160  21  GLU A C   
158 O O   A GLU A 21 ? 0.0896 0.0803 0.1002 -0.0255 0.0659  -0.0083 21  GLU A O   
159 O O   B GLU A 21 ? 0.0781 0.0725 0.0833 -0.0002 0.0518  0.0181  21  GLU A O   
160 C CB  A GLU A 21 ? 0.1231 0.1212 0.1152 0.0046  0.0435  0.0030  21  GLU A CB  
161 C CB  B GLU A 21 ? 0.0702 0.1286 0.0592 0.0155  0.0285  0.0146  21  GLU A CB  
162 C CG  A GLU A 21 ? 0.1179 0.1518 0.0963 0.0008  0.0601  -0.0156 21  GLU A CG  
163 C CG  B GLU A 21 ? 0.0739 0.1424 0.0672 0.0057  0.0074  0.0058  21  GLU A CG  
164 C CD  A GLU A 21 ? 0.1308 0.1481 0.0880 -0.0142 0.0338  0.0007  21  GLU A CD  
165 C CD  B GLU A 21 ? 0.0881 0.1479 0.0817 -0.0028 -0.0053 0.0206  21  GLU A CD  
166 O OE1 A GLU A 21 ? 0.1267 0.1814 0.1231 -0.0421 0.0367  -0.0201 21  GLU A OE1 
167 O OE1 B GLU A 21 ? 0.1017 0.1725 0.0905 -0.0060 0.0053  0.0107  21  GLU A OE1 
168 O OE2 A GLU A 21 ? 0.0906 0.1701 0.1633 0.0056  0.0162  -0.0211 21  GLU A OE2 
169 O OE2 B GLU A 21 ? 0.1040 0.1562 0.1030 -0.0023 0.0138  0.0188  21  GLU A OE2 
170 N N   . GLY A 22 ? 0.0899 0.1078 0.1034 -0.0116 0.0631  0.0250  22  GLY A N   
171 C CA  . GLY A 22 ? 0.0772 0.1171 0.0969 -0.0108 0.0572  0.0156  22  GLY A CA  
172 C C   . GLY A 22 ? 0.0736 0.0961 0.0803 0.0021  0.0498  0.0177  22  GLY A C   
173 O O   . GLY A 22 ? 0.0678 0.1046 0.0718 -0.0119 0.0370  0.0225  22  GLY A O   
174 N N   . GLU A 23 ? 0.0824 0.0979 0.0743 0.0081  0.0518  0.0187  23  GLU A N   
175 C CA  . GLU A 23 ? 0.0807 0.1047 0.0743 0.0034  0.0514  0.0126  23  GLU A CA  
176 C C   . GLU A 23 ? 0.0770 0.0939 0.0532 0.0006  0.0356  0.0150  23  GLU A C   
177 O O   . GLU A 23 ? 0.0783 0.0938 0.0573 -0.0047 0.0371  0.0170  23  GLU A O   
178 C CB  . GLU A 23 ? 0.1600 0.1392 0.0837 -0.0253 0.0851  0.0062  23  GLU A CB  
179 C CG  . GLU A 23 ? 0.1787 0.1625 0.1280 -0.0488 0.0932  -0.0085 23  GLU A CG  
180 C CD  . GLU A 23 ? 0.1837 0.2096 0.2987 0.0009  0.0495  -0.0247 23  GLU A CD  
181 O OE1 . GLU A 23 ? 0.1773 0.2391 0.5125 0.0309  0.0650  -0.0293 23  GLU A OE1 
182 O OE2 . GLU A 23 ? 0.3288 0.1941 0.4491 -0.0434 0.0421  0.0109  23  GLU A OE2 
183 N N   . ASP A 24 ? 0.0650 0.1012 0.0560 0.0035  0.0342  0.0121  24  ASP A N   
184 C CA  A ASP A 24 ? 0.0481 0.0832 0.0562 -0.0049 0.0191  -0.0036 24  ASP A CA  
185 C CA  B ASP A 24 ? 0.0603 0.1225 0.0554 0.0009  0.0324  0.0013  24  ASP A CA  
186 C C   . ASP A 24 ? 0.0474 0.1038 0.0531 -0.0107 0.0241  -0.0019 24  ASP A C   
187 O O   . ASP A 24 ? 0.0483 0.0952 0.0567 -0.0156 0.0257  -0.0054 24  ASP A O   
188 C CB  A ASP A 24 ? 0.0426 0.0740 0.0557 -0.0142 0.0203  -0.0013 24  ASP A CB  
189 C CB  B ASP A 24 ? 0.0860 0.1349 0.0841 0.0183  0.0302  0.0054  24  ASP A CB  
190 C CG  A ASP A 24 ? 0.0455 0.0867 0.0510 -0.0109 0.0226  -0.0074 24  ASP A CG  
191 C CG  B ASP A 24 ? 0.1139 0.1840 0.1028 0.0201  0.0079  0.0175  24  ASP A CG  
192 O OD1 A ASP A 24 ? 0.0482 0.0935 0.0767 -0.0157 0.0333  -0.0184 24  ASP A OD1 
193 O OD1 B ASP A 24 ? 0.1931 0.2258 0.1023 0.0549  0.0137  0.0167  24  ASP A OD1 
194 O OD2 A ASP A 24 ? 0.0409 0.0896 0.0586 -0.0076 0.0187  -0.0058 24  ASP A OD2 
195 O OD2 B ASP A 24 ? 0.1211 0.2171 0.1187 0.0286  0.0038  0.0193  24  ASP A OD2 
196 N N   . ARG A 25 ? 0.0534 0.0998 0.0496 -0.0214 0.0239  -0.0034 25  ARG A N   
197 C CA  . ARG A 25 ? 0.0516 0.1028 0.0442 -0.0250 0.0197  -0.0039 25  ARG A CA  
198 C C   . ARG A 25 ? 0.0558 0.0959 0.0435 -0.0330 0.0195  -0.0071 25  ARG A C   
199 O O   . ARG A 25 ? 0.0707 0.1031 0.0528 -0.0273 0.0326  -0.0040 25  ARG A O   
200 C CB  . ARG A 25 ? 0.0429 0.0830 0.0593 -0.0123 0.0233  -0.0044 25  ARG A CB  
201 C CG  . ARG A 25 ? 0.0342 0.0891 0.0902 -0.0077 0.0198  -0.0091 25  ARG A CG  
202 C CD  . ARG A 25 ? 0.0372 0.1007 0.1124 -0.0004 0.0157  -0.0313 25  ARG A CD  
203 N NE  . ARG A 25 ? 0.0391 0.1133 0.1242 0.0006  0.0176  -0.0137 25  ARG A NE  
204 C CZ  . ARG A 25 ? 0.0441 0.1044 0.1072 -0.0045 0.0170  0.0026  25  ARG A CZ  
205 N NH1 . ARG A 25 ? 0.0660 0.0983 0.1286 0.0017  -0.0155 -0.0042 25  ARG A NH1 
206 N NH2 . ARG A 25 ? 0.0586 0.1076 0.1749 0.0010  -0.0067 0.0103  25  ARG A NH2 
207 N N   . THR A 26 ? 0.0468 0.1003 0.0435 -0.0287 0.0164  -0.0079 26  THR A N   
208 C CA  . THR A 26 ? 0.0451 0.0935 0.0448 -0.0219 0.0154  0.0010  26  THR A CA  
209 C C   . THR A 26 ? 0.0388 0.0961 0.0443 -0.0169 0.0116  0.0065  26  THR A C   
210 O O   . THR A 26 ? 0.0429 0.0991 0.0553 -0.0186 0.0140  0.0168  26  THR A O   
211 C CB  . THR A 26 ? 0.0425 0.0992 0.0592 -0.0203 0.0182  0.0054  26  THR A CB  
212 O OG1 . THR A 26 ? 0.0492 0.1177 0.0714 -0.0302 0.0215  0.0110  26  THR A OG1 
213 C CG2 . THR A 26 ? 0.0472 0.1045 0.0991 -0.0128 0.0287  0.0100  26  THR A CG2 
214 N N   . GLY A 27 ? 0.0382 0.0877 0.0391 -0.0192 0.0097  0.0003  27  GLY A N   
215 C CA  . GLY A 27 ? 0.0401 0.0791 0.0483 -0.0167 0.0164  -0.0058 27  GLY A CA  
216 C C   . GLY A 27 ? 0.0382 0.0743 0.0510 -0.0166 0.0141  -0.0014 27  GLY A C   
217 O O   . GLY A 27 ? 0.0391 0.0789 0.0652 -0.0176 0.0182  -0.0012 27  GLY A O   
218 N N   A CYS A 28 ? 0.0354 0.0723 0.0431 -0.0127 0.0109  -0.0001 28  CYS A N   
219 N N   B CYS A 28 ? 0.0351 0.0684 0.0539 -0.0109 0.0139  0.0007  28  CYS A N   
220 C CA  A CYS A 28 ? 0.0387 0.0723 0.0481 -0.0123 0.0156  -0.0013 28  CYS A CA  
221 C CA  B CYS A 28 ? 0.0324 0.0566 0.0416 -0.0070 0.0104  -0.0053 28  CYS A CA  
222 C C   A CYS A 28 ? 0.0391 0.0838 0.0452 -0.0205 0.0120  -0.0018 28  CYS A C   
223 C C   B CYS A 28 ? 0.0314 0.0878 0.0398 -0.0073 0.0090  -0.0031 28  CYS A C   
224 O O   A CYS A 28 ? 0.0446 0.0840 0.0484 -0.0244 0.0134  0.0025  28  CYS A O   
225 O O   B CYS A 28 ? 0.0343 0.1036 0.0383 -0.0226 0.0092  -0.0146 28  CYS A O   
226 C CB  A CYS A 28 ? 0.0505 0.0716 0.0547 -0.0063 0.0267  -0.0001 28  CYS A CB  
227 C CB  B CYS A 28 ? 0.0312 0.0544 0.0422 -0.0040 0.0098  -0.0034 28  CYS A CB  
228 S SG  A CYS A 28 ? 0.0500 0.0899 0.0650 -0.0118 0.0298  0.0002  28  CYS A SG  
229 S SG  B CYS A 28 ? 0.0429 0.0831 0.0448 -0.0077 0.0185  -0.0092 28  CYS A SG  
230 N N   . TYR A 29 ? 0.0387 0.0790 0.0465 -0.0196 0.0089  0.0065  29  TYR A N   
231 C CA  . TYR A 29 ? 0.0403 0.0827 0.0438 -0.0199 0.0095  0.0071  29  TYR A CA  
232 C C   . TYR A 29 ? 0.0430 0.0883 0.0516 -0.0209 0.0142  0.0067  29  TYR A C   
233 O O   . TYR A 29 ? 0.0485 0.0875 0.0558 -0.0261 0.0132  0.0125  29  TYR A O   
234 C CB  . TYR A 29 ? 0.0431 0.0833 0.0540 -0.0251 0.0052  0.0056  29  TYR A CB  
235 C CG  . TYR A 29 ? 0.0516 0.0790 0.0526 -0.0130 0.0120  0.0022  29  TYR A CG  
236 C CD1 . TYR A 29 ? 0.0537 0.0928 0.0538 -0.0053 0.0198  -0.0019 29  TYR A CD1 
237 C CD2 . TYR A 29 ? 0.0447 0.0931 0.0654 -0.0188 0.0131  0.0064  29  TYR A CD2 
238 C CE1 . TYR A 29 ? 0.0663 0.0947 0.0582 -0.0111 0.0089  0.0011  29  TYR A CE1 
239 C CE2 . TYR A 29 ? 0.0475 0.0957 0.0800 -0.0144 0.0055  0.0038  29  TYR A CE2 
240 C CZ  . TYR A 29 ? 0.0677 0.0896 0.0679 -0.0115 -0.0033 0.0022  29  TYR A CZ  
241 O OH  . TYR A 29 ? 0.0729 0.1190 0.0885 -0.0128 -0.0097 0.0181  29  TYR A OH  
242 N N   . MET A 30 ? 0.0411 0.0892 0.0539 -0.0205 0.0147  0.0044  30  MET A N   
243 C CA  A MET A 30 ? 0.0373 0.0931 0.0588 -0.0130 0.0173  0.0030  30  MET A CA  
244 C CA  B MET A 30 ? 0.0406 0.0951 0.0609 -0.0140 0.0202  0.0037  30  MET A CA  
245 C C   . MET A 30 ? 0.0411 0.0863 0.0526 -0.0113 0.0197  -0.0023 30  MET A C   
246 O O   . MET A 30 ? 0.0452 0.0837 0.0804 -0.0073 0.0274  -0.0025 30  MET A O   
247 C CB  A MET A 30 ? 0.0393 0.0896 0.0628 -0.0064 0.0220  0.0035  30  MET A CB  
248 C CB  B MET A 30 ? 0.0500 0.1145 0.0659 -0.0132 0.0297  0.0039  30  MET A CB  
249 C CG  A MET A 30 ? 0.0415 0.1064 0.0804 -0.0136 0.0271  0.0026  30  MET A CG  
250 C CG  B MET A 30 ? 0.0807 0.1151 0.1127 -0.0058 0.0185  -0.0124 30  MET A CG  
251 S SD  A MET A 30 ? 0.0929 0.1819 0.1103 -0.0434 0.0650  -0.0300 30  MET A SD  
252 S SD  B MET A 30 ? 0.1973 0.1852 0.0915 -0.0455 0.0656  -0.0079 30  MET A SD  
253 C CE  A MET A 30 ? 0.0463 0.1006 0.0610 -0.0138 0.0272  -0.0135 30  MET A CE  
254 C CE  B MET A 30 ? 0.0934 0.1755 0.1782 -0.0327 0.0774  -0.0182 30  MET A CE  
255 N N   . TYR A 31 ? 0.0416 0.0773 0.0530 -0.0143 0.0194  -0.0038 31  TYR A N   
256 C CA  . TYR A 31 ? 0.0385 0.0827 0.0605 -0.0130 0.0204  -0.0067 31  TYR A CA  
257 C C   . TYR A 31 ? 0.0367 0.0760 0.0609 -0.0130 0.0181  -0.0056 31  TYR A C   
258 O O   . TYR A 31 ? 0.0441 0.0750 0.0690 -0.0133 0.0249  0.0031  31  TYR A O   
259 C CB  . TYR A 31 ? 0.0417 0.0823 0.0640 -0.0132 0.0222  0.0022  31  TYR A CB  
260 C CG  . TYR A 31 ? 0.0383 0.0858 0.0586 -0.0144 0.0181  -0.0014 31  TYR A CG  
261 C CD1 . TYR A 31 ? 0.0452 0.0930 0.0578 -0.0112 0.0139  -0.0055 31  TYR A CD1 
262 C CD2 . TYR A 31 ? 0.0360 0.0743 0.0661 -0.0077 0.0204  -0.0060 31  TYR A CD2 
263 C CE1 . TYR A 31 ? 0.0493 0.0938 0.0712 -0.0167 0.0101  -0.0069 31  TYR A CE1 
264 C CE2 . TYR A 31 ? 0.0387 0.0772 0.0722 -0.0107 0.0239  -0.0060 31  TYR A CE2 
265 C CZ  . TYR A 31 ? 0.0371 0.0808 0.0792 -0.0104 0.0131  -0.0031 31  TYR A CZ  
266 O OH  . TYR A 31 ? 0.0523 0.0972 0.0969 -0.0255 0.0239  -0.0117 31  TYR A OH  
267 N N   . ILE A 32 ? 0.0404 0.0777 0.0546 -0.0118 0.0184  0.0025  32  ILE A N   
268 C CA  . ILE A 32 ? 0.0419 0.0803 0.0565 -0.0098 0.0201  0.0062  32  ILE A CA  
269 C C   . ILE A 32 ? 0.0444 0.0822 0.0613 -0.0066 0.0239  0.0098  32  ILE A C   
270 O O   . ILE A 32 ? 0.0495 0.0885 0.0659 -0.0106 0.0264  0.0144  32  ILE A O   
271 C CB  . ILE A 32 ? 0.0430 0.0787 0.0600 -0.0127 0.0209  0.0057  32  ILE A CB  
272 C CG1 . ILE A 32 ? 0.0459 0.0819 0.0520 -0.0107 0.0226  -0.0017 32  ILE A CG1 
273 C CG2 . ILE A 32 ? 0.0880 0.0937 0.0556 -0.0121 0.0171  0.0061  32  ILE A CG2 
274 C CD1 . ILE A 32 ? 0.0624 0.0822 0.0654 -0.0082 0.0233  0.0009  32  ILE A CD1 
275 N N   . TYR A 33 ? 0.0419 0.0890 0.0726 -0.0069 0.0233  0.0198  33  TYR A N   
276 C CA  . TYR A 33 ? 0.0446 0.0945 0.0760 -0.0059 0.0276  0.0191  33  TYR A CA  
277 C C   . TYR A 33 ? 0.0651 0.0835 0.0779 -0.0029 0.0451  0.0058  33  TYR A C   
278 O O   . TYR A 33 ? 0.1066 0.0961 0.0886 -0.0003 0.0205  0.0113  33  TYR A O   
279 C CB  . TYR A 33 ? 0.0392 0.1133 0.0987 -0.0067 0.0278  0.0243  33  TYR A CB  
280 C CG  . TYR A 33 ? 0.0434 0.0915 0.0953 -0.0091 0.0201  0.0023  33  TYR A CG  
281 C CD1 . TYR A 33 ? 0.0565 0.0999 0.0976 -0.0046 0.0128  -0.0079 33  TYR A CD1 
282 C CD2 . TYR A 33 ? 0.0618 0.1076 0.1263 -0.0066 0.0119  -0.0199 33  TYR A CD2 
283 C CE1 . TYR A 33 ? 0.0796 0.1140 0.1310 -0.0031 -0.0029 -0.0005 33  TYR A CE1 
284 C CE2 . TYR A 33 ? 0.0878 0.1367 0.1045 -0.0087 0.0133  -0.0209 33  TYR A CE2 
285 C CZ  . TYR A 33 ? 0.0617 0.1491 0.0962 -0.0191 -0.0006 0.0054  33  TYR A CZ  
286 O OH  . TYR A 33 ? 0.0940 0.2168 0.1128 -0.0125 -0.0116 0.0231  33  TYR A OH  
287 N N   . SER A 34 ? 0.0579 0.0880 0.0770 -0.0008 0.0366  0.0033  34  SER A N   
288 C CA  A SER A 34 ? 0.0526 0.0873 0.0642 -0.0033 0.0321  0.0043  34  SER A CA  
289 C CA  B SER A 34 ? 0.0701 0.0903 0.1048 -0.0032 0.0517  -0.0034 34  SER A CA  
290 C C   . SER A 34 ? 0.0666 0.0801 0.0746 -0.0025 0.0436  0.0095  34  SER A C   
291 O O   . SER A 34 ? 0.0962 0.0800 0.1060 -0.0016 0.0439  0.0038  34  SER A O   
292 C CB  A SER A 34 ? 0.0522 0.0849 0.0523 -0.0111 0.0266  -0.0047 34  SER A CB  
293 C CB  B SER A 34 ? 0.1258 0.1220 0.0706 0.0034  0.0646  -0.0166 34  SER A CB  
294 O OG  A SER A 34 ? 0.0583 0.0791 0.0426 -0.0079 0.0238  -0.0057 34  SER A OG  
295 O OG  B SER A 34 ? 0.1386 0.1708 0.1464 -0.0081 0.0610  -0.0134 34  SER A OG  
296 N N   . ASN A 35 ? 0.0592 0.0833 0.0524 -0.0069 0.0295  0.0023  35  ASN A N   
297 C CA  . ASN A 35 ? 0.0607 0.0981 0.0484 -0.0096 0.0273  -0.0049 35  ASN A CA  
298 C C   . ASN A 35 ? 0.0537 0.0923 0.0549 -0.0140 0.0279  -0.0027 35  ASN A C   
299 O O   . ASN A 35 ? 0.0573 0.1319 0.0851 -0.0324 0.0379  -0.0117 35  ASN A O   
300 C CB  . ASN A 35 ? 0.0878 0.1004 0.0602 -0.0038 0.0198  0.0031  35  ASN A CB  
301 C CG  . ASN A 35 ? 0.0752 0.0970 0.0606 -0.0004 0.0282  -0.0045 35  ASN A CG  
302 O OD1 . ASN A 35 ? 0.0855 0.1076 0.0742 0.0095  0.0246  -0.0002 35  ASN A OD1 
303 N ND2 . ASN A 35 ? 0.0729 0.1075 0.0764 0.0006  0.0256  -0.0008 35  ASN A ND2 
304 N N   . CYS A 36 ? 0.0457 0.0865 0.0529 -0.0115 0.0228  -0.0018 36  CYS A N   
305 C CA  . CYS A 36 ? 0.0526 0.0842 0.0540 -0.0080 0.0276  -0.0019 36  CYS A CA  
306 C C   . CYS A 36 ? 0.0695 0.1152 0.0535 -0.0138 0.0276  0.0109  36  CYS A C   
307 O O   . CYS A 36 ? 0.0808 0.1649 0.0785 -0.0033 0.0374  0.0220  36  CYS A O   
308 C CB  . CYS A 36 ? 0.0514 0.0838 0.0682 -0.0091 0.0332  -0.0076 36  CYS A CB  
309 S SG  . CYS A 36 ? 0.0632 0.0908 0.0795 -0.0062 0.0446  0.0028  36  CYS A SG  
310 N N   . PRO A 37 ? 0.1036 0.2351 0.0690 -0.0047 0.0523  0.0314  37  PRO A N   
311 C CA  . PRO A 37 ? 0.1624 0.3204 0.0745 0.0464  0.0616  0.0463  37  PRO A CA  
312 C C   . PRO A 37 ? 0.2256 0.3137 0.0905 0.0989  0.0677  -0.0249 37  PRO A C   
313 O O   . PRO A 37 ? 0.4110 0.3319 0.2013 0.1452  0.0362  -0.1085 37  PRO A O   
314 C CB  . PRO A 37 ? 0.1807 0.3980 0.0992 0.0241  0.0635  0.0839  37  PRO A CB  
315 C CG  . PRO A 37 ? 0.1716 0.3302 0.1192 0.0086  0.0778  0.0574  37  PRO A CG  
316 C CD  . PRO A 37 ? 0.0887 0.2808 0.1122 0.0016  0.0574  0.0580  37  PRO A CD  
317 N N   . PRO A 38 ? 0.1890 0.2588 0.1090 0.0166  0.0602  -0.0217 38  PRO A N   
318 C CA  . PRO A 38 ? 0.1341 0.2804 0.0802 0.0158  0.0276  -0.0004 38  PRO A CA  
319 C C   . PRO A 38 ? 0.1287 0.2952 0.0738 0.0194  0.0250  0.0307  38  PRO A C   
320 O O   . PRO A 38 ? 0.2303 0.3808 0.1312 0.1050  0.0318  0.0757  38  PRO A O   
321 C CB  . PRO A 38 ? 0.1443 0.2125 0.0949 -0.0200 0.0271  0.0041  38  PRO A CB  
322 C CG  . PRO A 38 ? 0.2485 0.2078 0.1067 -0.0219 0.0078  0.0167  38  PRO A CG  
323 C CD  . PRO A 38 ? 0.2886 0.2336 0.1193 0.0047  0.0111  -0.0140 38  PRO A CD  
324 N N   . TYR A 39 ? 0.0941 0.2494 0.0731 -0.0399 0.0377  0.0241  39  TYR A N   
325 C CA  . TYR A 39 ? 0.1196 0.2049 0.0805 0.0011  0.0315  0.0151  39  TYR A CA  
326 C C   . TYR A 39 ? 0.1546 0.2201 0.1219 0.0254  0.0161  -0.0087 39  TYR A C   
327 O O   . TYR A 39 ? 0.1744 0.2734 0.2959 0.0658  0.0610  -0.0104 39  TYR A O   
328 C CB  . TYR A 39 ? 0.0845 0.2208 0.0741 -0.0108 0.0358  0.0184  39  TYR A CB  
329 C CG  . TYR A 39 ? 0.0892 0.2339 0.0645 -0.0463 0.0388  0.0240  39  TYR A CG  
330 C CD1 . TYR A 39 ? 0.0818 0.2458 0.1050 -0.0181 0.0242  0.0338  39  TYR A CD1 
331 C CD2 . TYR A 39 ? 0.0789 0.2190 0.0920 -0.0452 0.0020  0.0378  39  TYR A CD2 
332 C CE1 . TYR A 39 ? 0.0901 0.2692 0.1201 -0.0596 0.0015  0.0150  39  TYR A CE1 
333 C CE2 . TYR A 39 ? 0.1095 0.1985 0.1344 -0.0440 -0.0257 0.0422  39  TYR A CE2 
334 C CZ  . TYR A 39 ? 0.1044 0.2347 0.0986 -0.0780 -0.0025 0.0490  39  TYR A CZ  
335 O OH  . TYR A 39 ? 0.1522 0.2511 0.1332 -0.0886 -0.0271 0.0376  39  TYR A OH  
336 N N   . VAL A 40 ? 0.1676 0.1666 0.0974 -0.0083 0.0402  0.0004  40  VAL A N   
337 C CA  . VAL A 40 ? 0.1979 0.1687 0.1061 -0.0293 0.0143  0.0407  40  VAL A CA  
338 C C   . VAL A 40 ? 0.2302 0.1994 0.1411 -0.0368 0.0469  0.0492  40  VAL A C   
339 O O   . VAL A 40 ? 0.2323 0.2414 0.1844 -0.0830 0.0762  0.0240  40  VAL A O   
340 C CB  . VAL A 40 ? 0.1936 0.1480 0.1319 -0.0161 -0.0102 -0.0365 40  VAL A CB  
341 C CG1 . VAL A 40 ? 0.2106 0.1524 0.1393 -0.0097 0.0000  -0.0051 40  VAL A CG1 
342 C CG2 . VAL A 40 ? 0.2015 0.1923 0.1635 -0.0122 -0.0149 -0.0309 40  VAL A CG2 
343 O OXT . VAL A 40 ? 0.3988 0.2231 0.2322 -0.0341 0.0718  0.1021  40  VAL A OXT 
344 O O   . HOH B .  ? 0.1955 0.2235 0.1788 0.0581  0.0524  -0.0235 101 HOH A O   
345 O O   . HOH B .  ? 0.1622 0.1524 0.0987 0.0420  0.0276  0.0304  102 HOH A O   
346 O O   . HOH B .  ? 0.1001 0.2143 0.1978 -0.0421 0.0386  -0.0120 103 HOH A O   
347 O O   . HOH B .  ? 0.2407 0.4650 0.1227 -0.0419 0.0092  0.0291  104 HOH A O   
348 O O   . HOH B .  ? 0.0837 0.1036 0.1268 -0.0292 0.0512  -0.0073 105 HOH A O   
349 O O   . HOH B .  ? 0.2773 0.2447 0.2148 -0.1126 0.0203  0.0457  106 HOH A O   
350 O O   . HOH B .  ? 0.2458 0.3182 0.2931 -0.0526 0.0091  -0.1030 107 HOH A O   
351 O O   . HOH B .  ? 0.0972 0.0971 0.0845 -0.0158 -0.0173 -0.0060 108 HOH A O   
352 O O   . HOH B .  ? 0.1637 0.2323 0.2033 -0.1129 0.0958  -0.0506 109 HOH A O   
353 O O   . HOH B .  ? 0.2962 0.2298 0.1623 -0.0065 0.1469  0.0155  110 HOH A O   
354 O O   . HOH B .  ? 0.5408 0.3559 0.1572 0.1471  -0.0074 -0.0254 111 HOH A O   
355 O O   . HOH B .  ? 0.3280 0.3909 0.3020 -0.0531 0.0068  -0.1767 112 HOH A O   
356 O O   . HOH B .  ? 0.2142 0.2720 0.2087 -0.0353 0.1214  0.1028  113 HOH A O   
357 O O   . HOH B .  ? 0.1143 0.1424 0.1198 0.0051  0.0435  -0.0094 114 HOH A O   
358 O O   . HOH B .  ? 0.1160 0.1925 0.1369 -0.0055 0.0156  -0.0119 115 HOH A O   
359 O O   . HOH B .  ? 0.1774 0.2474 0.3200 -0.0218 0.1068  0.0251  116 HOH A O   
360 O O   . HOH B .  ? 0.1957 0.2378 0.0878 -0.0151 0.0232  0.0194  117 HOH A O   
361 O O   . HOH B .  ? 0.2757 0.3002 0.2397 -0.0558 -0.0717 0.1628  118 HOH A O   
362 O O   . HOH B .  ? 0.0691 0.1099 0.0895 0.0028  0.0189  0.0020  119 HOH A O   
363 O O   . HOH B .  ? 0.1120 0.1464 0.1259 0.0209  0.0470  0.0164  120 HOH A O   
364 O O   . HOH B .  ? 0.0722 0.1355 0.1228 -0.0245 0.0233  -0.0071 121 HOH A O   
365 O O   . HOH B .  ? 0.4382 0.5263 0.6514 -0.0624 -0.1612 0.1256  122 HOH A O   
# 
